data_2CJJ
# 
_entry.id   2CJJ 
# 
_audit_conform.dict_name       mmcif_pdbx.dic 
_audit_conform.dict_version    5.391 
_audit_conform.dict_location   http://mmcif.pdb.org/dictionaries/ascii/mmcif_pdbx.dic 
# 
loop_
_database_2.database_id 
_database_2.database_code 
_database_2.pdbx_database_accession 
_database_2.pdbx_DOI 
PDB   2CJJ         pdb_00002cjj 10.2210/pdb2cjj/pdb 
PDBE  EBI-28406    ?            ?                   
WWPDB D_1290028406 ?            ?                   
# 
loop_
_pdbx_audit_revision_history.ordinal 
_pdbx_audit_revision_history.data_content_type 
_pdbx_audit_revision_history.major_revision 
_pdbx_audit_revision_history.minor_revision 
_pdbx_audit_revision_history.revision_date 
1 'Structure model' 1 0 2006-10-25 
2 'Structure model' 1 1 2011-07-13 
3 'Structure model' 1 2 2017-07-12 
4 'Structure model' 1 3 2024-05-08 
# 
_pdbx_audit_revision_details.ordinal             1 
_pdbx_audit_revision_details.revision_ordinal    1 
_pdbx_audit_revision_details.data_content_type   'Structure model' 
_pdbx_audit_revision_details.provider            repository 
_pdbx_audit_revision_details.type                'Initial release' 
_pdbx_audit_revision_details.description         ? 
_pdbx_audit_revision_details.details             ? 
# 
loop_
_pdbx_audit_revision_group.ordinal 
_pdbx_audit_revision_group.revision_ordinal 
_pdbx_audit_revision_group.data_content_type 
_pdbx_audit_revision_group.group 
1 2 'Structure model' Advisory                    
2 2 'Structure model' 'Version format compliance' 
3 3 'Structure model' 'Data collection'           
4 4 'Structure model' 'Data collection'           
5 4 'Structure model' 'Database references'       
6 4 'Structure model' Other                       
# 
loop_
_pdbx_audit_revision_category.ordinal 
_pdbx_audit_revision_category.revision_ordinal 
_pdbx_audit_revision_category.data_content_type 
_pdbx_audit_revision_category.category 
1 3 'Structure model' diffrn_source        
2 4 'Structure model' chem_comp_atom       
3 4 'Structure model' chem_comp_bond       
4 4 'Structure model' database_2           
5 4 'Structure model' pdbx_database_status 
# 
loop_
_pdbx_audit_revision_item.ordinal 
_pdbx_audit_revision_item.revision_ordinal 
_pdbx_audit_revision_item.data_content_type 
_pdbx_audit_revision_item.item 
1 3 'Structure model' '_diffrn_source.type'                  
2 4 'Structure model' '_database_2.pdbx_DOI'                 
3 4 'Structure model' '_database_2.pdbx_database_accession'  
4 4 'Structure model' '_pdbx_database_status.status_code_sf' 
# 
_pdbx_database_status.status_code                     REL 
_pdbx_database_status.entry_id                        2CJJ 
_pdbx_database_status.deposit_site                    PDBE 
_pdbx_database_status.process_site                    PDBE 
_pdbx_database_status.SG_entry                        . 
_pdbx_database_status.recvd_initial_deposition_date   2006-04-04 
_pdbx_database_status.pdb_format_compatible           Y 
_pdbx_database_status.status_code_sf                  REL 
_pdbx_database_status.status_code_mr                  ? 
_pdbx_database_status.status_code_cs                  ? 
_pdbx_database_status.methods_development_category    ? 
_pdbx_database_status.status_code_nmr_data            ? 
# 
loop_
_audit_author.name 
_audit_author.pdbx_ordinal 
'Stevenson, C.E.M.' 1 
'Burton, N.'        2 
'Costa, M.M.'       3 
'Nath, U.'          4 
'Dixon, R.A.'       5 
'Coen, E.S.'        6 
'Lawson, D.M.'      7 
# 
loop_
_citation.id 
_citation.title 
_citation.journal_abbrev 
_citation.journal_volume 
_citation.page_first 
_citation.page_last 
_citation.year 
_citation.journal_id_ASTM 
_citation.country 
_citation.journal_id_ISSN 
_citation.journal_id_CSD 
_citation.book_publisher 
_citation.pdbx_database_id_PubMed 
_citation.pdbx_database_id_DOI 
primary 'Crystal Structure of the Myb Domain of the Rad Transcription Factor from Antirrhinum Majus.' 
'Proteins: Struct., Funct., Bioinf.' 65 1041 ? 2006 PSFGEY US 0887-3585 0867 ? 17044043 10.1002/PROT.21136        
1       'Crystallisation and Preliminary X-Ray Analysis of the Rad Protein from Antirrhinum Majus'    'Acta Crystallogr.,Sect.F' 
61 885  ? 2005 ?      DK 1744-3091 ?    ? 16511186 10.1107/S1744309105027168 
# 
loop_
_citation_author.citation_id 
_citation_author.name 
_citation_author.ordinal 
_citation_author.identifier_ORCID 
primary 'Stevenson, C.E.M.' 1  ? 
primary 'Burton, N.'        2  ? 
primary 'Costa, M.M.'       3  ? 
primary 'Nath, U.'          4  ? 
primary 'Dixon, R.A.'       5  ? 
primary 'Coen, E.S.'        6  ? 
primary 'Lawson, D.M.'      7  ? 
1       'Stevenson, C.E.M.' 8  ? 
1       'Burton, N.'        9  ? 
1       'Costa, M.'         10 ? 
1       'Nath, U.'          11 ? 
1       'Dixon, R.A.'       12 ? 
1       'Coen, E.S.'        13 ? 
1       'Lawson, D.M.'      14 ? 
# 
loop_
_entity.id 
_entity.type 
_entity.src_method 
_entity.pdbx_description 
_entity.formula_weight 
_entity.pdbx_number_of_molecules 
_entity.pdbx_ec 
_entity.pdbx_mutation 
_entity.pdbx_fragment 
_entity.details 
1 polymer man RADIALIS 10795.235 1  ? ? ? '8 KDA PROTEOLYTIC FRAGMENT, MYB DOMAIN' 
2 water   nat water    18.015    49 ? ? ? ?                                        
# 
_entity_poly.entity_id                      1 
_entity_poly.type                           'polypeptide(L)' 
_entity_poly.nstd_linkage                   no 
_entity_poly.nstd_monomer                   no 
_entity_poly.pdbx_seq_one_letter_code       
;MASTRGSGRPWSAKENKAFERALAVYDKDTPDRWANVARAVEGRTPEEVKKHYEILVEDIKYIESGKVPFPNYRTTGGNM
KTDEKRFRNLKIR
;
_entity_poly.pdbx_seq_one_letter_code_can   
;MASTRGSGRPWSAKENKAFERALAVYDKDTPDRWANVARAVEGRTPEEVKKHYEILVEDIKYIESGKVPFPNYRTTGGNM
KTDEKRFRNLKIR
;
_entity_poly.pdbx_strand_id                 A 
_entity_poly.pdbx_target_identifier         ? 
# 
_pdbx_entity_nonpoly.entity_id   2 
_pdbx_entity_nonpoly.name        water 
_pdbx_entity_nonpoly.comp_id     HOH 
# 
loop_
_entity_poly_seq.entity_id 
_entity_poly_seq.num 
_entity_poly_seq.mon_id 
_entity_poly_seq.hetero 
1 1  MET n 
1 2  ALA n 
1 3  SER n 
1 4  THR n 
1 5  ARG n 
1 6  GLY n 
1 7  SER n 
1 8  GLY n 
1 9  ARG n 
1 10 PRO n 
1 11 TRP n 
1 12 SER n 
1 13 ALA n 
1 14 LYS n 
1 15 GLU n 
1 16 ASN n 
1 17 LYS n 
1 18 ALA n 
1 19 PHE n 
1 20 GLU n 
1 21 ARG n 
1 22 ALA n 
1 23 LEU n 
1 24 ALA n 
1 25 VAL n 
1 26 TYR n 
1 27 ASP n 
1 28 LYS n 
1 29 ASP n 
1 30 THR n 
1 31 PRO n 
1 32 ASP n 
1 33 ARG n 
1 34 TRP n 
1 35 ALA n 
1 36 ASN n 
1 37 VAL n 
1 38 ALA n 
1 39 ARG n 
1 40 ALA n 
1 41 VAL n 
1 42 GLU n 
1 43 GLY n 
1 44 ARG n 
1 45 THR n 
1 46 PRO n 
1 47 GLU n 
1 48 GLU n 
1 49 VAL n 
1 50 LYS n 
1 51 LYS n 
1 52 HIS n 
1 53 TYR n 
1 54 GLU n 
1 55 ILE n 
1 56 LEU n 
1 57 VAL n 
1 58 GLU n 
1 59 ASP n 
1 60 ILE n 
1 61 LYS n 
1 62 TYR n 
1 63 ILE n 
1 64 GLU n 
1 65 SER n 
1 66 GLY n 
1 67 LYS n 
1 68 VAL n 
1 69 PRO n 
1 70 PHE n 
1 71 PRO n 
1 72 ASN n 
1 73 TYR n 
1 74 ARG n 
1 75 THR n 
1 76 THR n 
1 77 GLY n 
1 78 GLY n 
1 79 ASN n 
1 80 MET n 
1 81 LYS n 
1 82 THR n 
1 83 ASP n 
1 84 GLU n 
1 85 LYS n 
1 86 ARG n 
1 87 PHE n 
1 88 ARG n 
1 89 ASN n 
1 90 LEU n 
1 91 LYS n 
1 92 ILE n 
1 93 ARG n 
# 
_entity_src_gen.entity_id                          1 
_entity_src_gen.pdbx_src_id                        1 
_entity_src_gen.pdbx_alt_source_flag               sample 
_entity_src_gen.pdbx_seq_type                      ? 
_entity_src_gen.pdbx_beg_seq_num                   ? 
_entity_src_gen.pdbx_end_seq_num                   ? 
_entity_src_gen.gene_src_common_name               'GARDEN SNAPDRAGON' 
_entity_src_gen.gene_src_genus                     ? 
_entity_src_gen.pdbx_gene_src_gene                 ? 
_entity_src_gen.gene_src_species                   ? 
_entity_src_gen.gene_src_strain                    ? 
_entity_src_gen.gene_src_tissue                    ? 
_entity_src_gen.gene_src_tissue_fraction           ? 
_entity_src_gen.gene_src_details                   ? 
_entity_src_gen.pdbx_gene_src_fragment             ? 
_entity_src_gen.pdbx_gene_src_scientific_name      'ANTIRRHINUM MAJUS' 
_entity_src_gen.pdbx_gene_src_ncbi_taxonomy_id     4151 
_entity_src_gen.pdbx_gene_src_variant              ? 
_entity_src_gen.pdbx_gene_src_cell_line            ? 
_entity_src_gen.pdbx_gene_src_atcc                 ? 
_entity_src_gen.pdbx_gene_src_organ                ? 
_entity_src_gen.pdbx_gene_src_organelle            ? 
_entity_src_gen.pdbx_gene_src_cell                 ? 
_entity_src_gen.pdbx_gene_src_cellular_location    ? 
_entity_src_gen.host_org_common_name               ? 
_entity_src_gen.pdbx_host_org_scientific_name      'ESCHERICHIA COLI' 
_entity_src_gen.pdbx_host_org_ncbi_taxonomy_id     469008 
_entity_src_gen.host_org_genus                     ? 
_entity_src_gen.pdbx_host_org_gene                 ? 
_entity_src_gen.pdbx_host_org_organ                ? 
_entity_src_gen.host_org_species                   ? 
_entity_src_gen.pdbx_host_org_tissue               ? 
_entity_src_gen.pdbx_host_org_tissue_fraction      ? 
_entity_src_gen.pdbx_host_org_strain               'BL21(DE3)' 
_entity_src_gen.pdbx_host_org_variant              ? 
_entity_src_gen.pdbx_host_org_cell_line            ? 
_entity_src_gen.pdbx_host_org_atcc                 ? 
_entity_src_gen.pdbx_host_org_culture_collection   ? 
_entity_src_gen.pdbx_host_org_cell                 ? 
_entity_src_gen.pdbx_host_org_organelle            ? 
_entity_src_gen.pdbx_host_org_cellular_location    ? 
_entity_src_gen.pdbx_host_org_vector_type          ? 
_entity_src_gen.pdbx_host_org_vector               ? 
_entity_src_gen.host_org_details                   ? 
_entity_src_gen.expression_system_id               ? 
_entity_src_gen.plasmid_name                       'PRSET A' 
_entity_src_gen.plasmid_details                    ? 
_entity_src_gen.pdbx_description                   ? 
# 
loop_
_chem_comp.id 
_chem_comp.type 
_chem_comp.mon_nstd_flag 
_chem_comp.name 
_chem_comp.pdbx_synonyms 
_chem_comp.formula 
_chem_comp.formula_weight 
ALA 'L-peptide linking' y ALANINE         ? 'C3 H7 N O2'     89.093  
ARG 'L-peptide linking' y ARGININE        ? 'C6 H15 N4 O2 1' 175.209 
ASN 'L-peptide linking' y ASPARAGINE      ? 'C4 H8 N2 O3'    132.118 
ASP 'L-peptide linking' y 'ASPARTIC ACID' ? 'C4 H7 N O4'     133.103 
GLU 'L-peptide linking' y 'GLUTAMIC ACID' ? 'C5 H9 N O4'     147.129 
GLY 'peptide linking'   y GLYCINE         ? 'C2 H5 N O2'     75.067  
HIS 'L-peptide linking' y HISTIDINE       ? 'C6 H10 N3 O2 1' 156.162 
HOH non-polymer         . WATER           ? 'H2 O'           18.015  
ILE 'L-peptide linking' y ISOLEUCINE      ? 'C6 H13 N O2'    131.173 
LEU 'L-peptide linking' y LEUCINE         ? 'C6 H13 N O2'    131.173 
LYS 'L-peptide linking' y LYSINE          ? 'C6 H15 N2 O2 1' 147.195 
MET 'L-peptide linking' y METHIONINE      ? 'C5 H11 N O2 S'  149.211 
PHE 'L-peptide linking' y PHENYLALANINE   ? 'C9 H11 N O2'    165.189 
PRO 'L-peptide linking' y PROLINE         ? 'C5 H9 N O2'     115.130 
SER 'L-peptide linking' y SERINE          ? 'C3 H7 N O3'     105.093 
THR 'L-peptide linking' y THREONINE       ? 'C4 H9 N O3'     119.119 
TRP 'L-peptide linking' y TRYPTOPHAN      ? 'C11 H12 N2 O2'  204.225 
TYR 'L-peptide linking' y TYROSINE        ? 'C9 H11 N O3'    181.189 
VAL 'L-peptide linking' y VALINE          ? 'C5 H11 N O2'    117.146 
# 
loop_
_pdbx_poly_seq_scheme.asym_id 
_pdbx_poly_seq_scheme.entity_id 
_pdbx_poly_seq_scheme.seq_id 
_pdbx_poly_seq_scheme.mon_id 
_pdbx_poly_seq_scheme.ndb_seq_num 
_pdbx_poly_seq_scheme.pdb_seq_num 
_pdbx_poly_seq_scheme.auth_seq_num 
_pdbx_poly_seq_scheme.pdb_mon_id 
_pdbx_poly_seq_scheme.auth_mon_id 
_pdbx_poly_seq_scheme.pdb_strand_id 
_pdbx_poly_seq_scheme.pdb_ins_code 
_pdbx_poly_seq_scheme.hetero 
A 1 1  MET 1  1  ?  ?   ?   A . n 
A 1 2  ALA 2  2  ?  ?   ?   A . n 
A 1 3  SER 3  3  ?  ?   ?   A . n 
A 1 4  THR 4  4  ?  ?   ?   A . n 
A 1 5  ARG 5  5  ?  ?   ?   A . n 
A 1 6  GLY 6  6  ?  ?   ?   A . n 
A 1 7  SER 7  7  ?  ?   ?   A . n 
A 1 8  GLY 8  8  8  GLY GLY A . n 
A 1 9  ARG 9  9  9  ARG ARG A . n 
A 1 10 PRO 10 10 10 PRO PRO A . n 
A 1 11 TRP 11 11 11 TRP TRP A . n 
A 1 12 SER 12 12 12 SER SER A . n 
A 1 13 ALA 13 13 13 ALA ALA A . n 
A 1 14 LYS 14 14 14 LYS LYS A . n 
A 1 15 GLU 15 15 15 GLU GLU A . n 
A 1 16 ASN 16 16 16 ASN ASN A . n 
A 1 17 LYS 17 17 17 LYS LYS A . n 
A 1 18 ALA 18 18 18 ALA ALA A . n 
A 1 19 PHE 19 19 19 PHE PHE A . n 
A 1 20 GLU 20 20 20 GLU GLU A . n 
A 1 21 ARG 21 21 21 ARG ARG A . n 
A 1 22 ALA 22 22 22 ALA ALA A . n 
A 1 23 LEU 23 23 23 LEU LEU A . n 
A 1 24 ALA 24 24 24 ALA ALA A . n 
A 1 25 VAL 25 25 25 VAL VAL A . n 
A 1 26 TYR 26 26 26 TYR TYR A . n 
A 1 27 ASP 27 27 27 ASP ASP A . n 
A 1 28 LYS 28 28 28 LYS LYS A . n 
A 1 29 ASP 29 29 29 ASP ASP A . n 
A 1 30 THR 30 30 30 THR THR A . n 
A 1 31 PRO 31 31 31 PRO PRO A . n 
A 1 32 ASP 32 32 32 ASP ASP A . n 
A 1 33 ARG 33 33 33 ARG ARG A . n 
A 1 34 TRP 34 34 34 TRP TRP A . n 
A 1 35 ALA 35 35 35 ALA ALA A . n 
A 1 36 ASN 36 36 36 ASN ASN A . n 
A 1 37 VAL 37 37 37 VAL VAL A . n 
A 1 38 ALA 38 38 38 ALA ALA A . n 
A 1 39 ARG 39 39 39 ARG ARG A . n 
A 1 40 ALA 40 40 40 ALA ALA A . n 
A 1 41 VAL 41 41 41 VAL VAL A . n 
A 1 42 GLU 42 42 42 GLU GLU A . n 
A 1 43 GLY 43 43 43 GLY GLY A . n 
A 1 44 ARG 44 44 44 ARG ARG A . n 
A 1 45 THR 45 45 45 THR THR A . n 
A 1 46 PRO 46 46 46 PRO PRO A . n 
A 1 47 GLU 47 47 47 GLU GLU A . n 
A 1 48 GLU 48 48 48 GLU GLU A . n 
A 1 49 VAL 49 49 49 VAL VAL A . n 
A 1 50 LYS 50 50 50 LYS LYS A . n 
A 1 51 LYS 51 51 51 LYS LYS A . n 
A 1 52 HIS 52 52 52 HIS HIS A . n 
A 1 53 TYR 53 53 53 TYR TYR A . n 
A 1 54 GLU 54 54 54 GLU GLU A . n 
A 1 55 ILE 55 55 55 ILE ILE A . n 
A 1 56 LEU 56 56 56 LEU LEU A . n 
A 1 57 VAL 57 57 57 VAL VAL A . n 
A 1 58 GLU 58 58 58 GLU GLU A . n 
A 1 59 ASP 59 59 59 ASP ASP A . n 
A 1 60 ILE 60 60 60 ILE ILE A . n 
A 1 61 LYS 61 61 61 LYS LYS A . n 
A 1 62 TYR 62 62 62 TYR TYR A . n 
A 1 63 ILE 63 63 63 ILE ILE A . n 
A 1 64 GLU 64 64 64 GLU GLU A . n 
A 1 65 SER 65 65 65 SER SER A . n 
A 1 66 GLY 66 66 66 GLY GLY A . n 
A 1 67 LYS 67 67 67 LYS LYS A . n 
A 1 68 VAL 68 68 68 VAL VAL A . n 
A 1 69 PRO 69 69 69 PRO PRO A . n 
A 1 70 PHE 70 70 70 PHE PHE A . n 
A 1 71 PRO 71 71 ?  ?   ?   A . n 
A 1 72 ASN 72 72 ?  ?   ?   A . n 
A 1 73 TYR 73 73 ?  ?   ?   A . n 
A 1 74 ARG 74 74 ?  ?   ?   A . n 
A 1 75 THR 75 75 ?  ?   ?   A . n 
A 1 76 THR 76 76 ?  ?   ?   A . n 
A 1 77 GLY 77 77 ?  ?   ?   A . n 
A 1 78 GLY 78 78 ?  ?   ?   A . n 
A 1 79 ASN 79 79 ?  ?   ?   A . n 
A 1 80 MET 80 80 ?  ?   ?   A . n 
A 1 81 LYS 81 81 ?  ?   ?   A . n 
A 1 82 THR 82 82 ?  ?   ?   A . n 
A 1 83 ASP 83 83 ?  ?   ?   A . n 
A 1 84 GLU 84 84 ?  ?   ?   A . n 
A 1 85 LYS 85 85 ?  ?   ?   A . n 
A 1 86 ARG 86 86 ?  ?   ?   A . n 
A 1 87 PHE 87 87 ?  ?   ?   A . n 
A 1 88 ARG 88 88 ?  ?   ?   A . n 
A 1 89 ASN 89 89 ?  ?   ?   A . n 
A 1 90 LEU 90 90 ?  ?   ?   A . n 
A 1 91 LYS 91 91 ?  ?   ?   A . n 
A 1 92 ILE 92 92 ?  ?   ?   A . n 
A 1 93 ARG 93 93 ?  ?   ?   A . n 
# 
loop_
_pdbx_nonpoly_scheme.asym_id 
_pdbx_nonpoly_scheme.entity_id 
_pdbx_nonpoly_scheme.mon_id 
_pdbx_nonpoly_scheme.ndb_seq_num 
_pdbx_nonpoly_scheme.pdb_seq_num 
_pdbx_nonpoly_scheme.auth_seq_num 
_pdbx_nonpoly_scheme.pdb_mon_id 
_pdbx_nonpoly_scheme.auth_mon_id 
_pdbx_nonpoly_scheme.pdb_strand_id 
_pdbx_nonpoly_scheme.pdb_ins_code 
B 2 HOH 1  2001 2001 HOH HOH A . 
B 2 HOH 2  2002 2002 HOH HOH A . 
B 2 HOH 3  2003 2003 HOH HOH A . 
B 2 HOH 4  2004 2004 HOH HOH A . 
B 2 HOH 5  2005 2005 HOH HOH A . 
B 2 HOH 6  2006 2006 HOH HOH A . 
B 2 HOH 7  2007 2007 HOH HOH A . 
B 2 HOH 8  2008 2008 HOH HOH A . 
B 2 HOH 9  2009 2009 HOH HOH A . 
B 2 HOH 10 2010 2010 HOH HOH A . 
B 2 HOH 11 2011 2011 HOH HOH A . 
B 2 HOH 12 2012 2012 HOH HOH A . 
B 2 HOH 13 2013 2013 HOH HOH A . 
B 2 HOH 14 2014 2014 HOH HOH A . 
B 2 HOH 15 2015 2015 HOH HOH A . 
B 2 HOH 16 2016 2016 HOH HOH A . 
B 2 HOH 17 2017 2017 HOH HOH A . 
B 2 HOH 18 2018 2018 HOH HOH A . 
B 2 HOH 19 2019 2019 HOH HOH A . 
B 2 HOH 20 2020 2020 HOH HOH A . 
B 2 HOH 21 2021 2021 HOH HOH A . 
B 2 HOH 22 2022 2022 HOH HOH A . 
B 2 HOH 23 2023 2023 HOH HOH A . 
B 2 HOH 24 2024 2024 HOH HOH A . 
B 2 HOH 25 2025 2025 HOH HOH A . 
B 2 HOH 26 2026 2026 HOH HOH A . 
B 2 HOH 27 2027 2027 HOH HOH A . 
B 2 HOH 28 2028 2028 HOH HOH A . 
B 2 HOH 29 2029 2029 HOH HOH A . 
B 2 HOH 30 2030 2030 HOH HOH A . 
B 2 HOH 31 2031 2031 HOH HOH A . 
B 2 HOH 32 2032 2032 HOH HOH A . 
B 2 HOH 33 2033 2033 HOH HOH A . 
B 2 HOH 34 2034 2034 HOH HOH A . 
B 2 HOH 35 2035 2035 HOH HOH A . 
B 2 HOH 36 2036 2036 HOH HOH A . 
B 2 HOH 37 2037 2037 HOH HOH A . 
B 2 HOH 38 2038 2038 HOH HOH A . 
B 2 HOH 39 2039 2039 HOH HOH A . 
B 2 HOH 40 2040 2040 HOH HOH A . 
B 2 HOH 41 2041 2041 HOH HOH A . 
B 2 HOH 42 2042 2042 HOH HOH A . 
B 2 HOH 43 2043 2043 HOH HOH A . 
B 2 HOH 44 2044 2044 HOH HOH A . 
B 2 HOH 45 2045 2045 HOH HOH A . 
B 2 HOH 46 2046 2046 HOH HOH A . 
B 2 HOH 47 2047 2047 HOH HOH A . 
B 2 HOH 48 2048 2048 HOH HOH A . 
B 2 HOH 49 2049 2049 HOH HOH A . 
# 
loop_
_pdbx_unobs_or_zero_occ_atoms.id 
_pdbx_unobs_or_zero_occ_atoms.PDB_model_num 
_pdbx_unobs_or_zero_occ_atoms.polymer_flag 
_pdbx_unobs_or_zero_occ_atoms.occupancy_flag 
_pdbx_unobs_or_zero_occ_atoms.auth_asym_id 
_pdbx_unobs_or_zero_occ_atoms.auth_comp_id 
_pdbx_unobs_or_zero_occ_atoms.auth_seq_id 
_pdbx_unobs_or_zero_occ_atoms.PDB_ins_code 
_pdbx_unobs_or_zero_occ_atoms.auth_atom_id 
_pdbx_unobs_or_zero_occ_atoms.label_alt_id 
_pdbx_unobs_or_zero_occ_atoms.label_asym_id 
_pdbx_unobs_or_zero_occ_atoms.label_comp_id 
_pdbx_unobs_or_zero_occ_atoms.label_seq_id 
_pdbx_unobs_or_zero_occ_atoms.label_atom_id 
1 1 Y 1 A ARG 9  ? CZ  ? A ARG 9  CZ  
2 1 Y 1 A ARG 9  ? NH1 ? A ARG 9  NH1 
3 1 Y 1 A ARG 9  ? NH2 ? A ARG 9  NH2 
4 1 Y 1 A LYS 28 ? CE  ? A LYS 28 CE  
5 1 Y 1 A LYS 28 ? NZ  ? A LYS 28 NZ  
# 
loop_
_software.name 
_software.classification 
_software.version 
_software.citation_id 
_software.pdbx_ordinal 
REFMAC    refinement       5.2.0019 ? 1 
DENZO     'data reduction' .        ? 2 
SCALEPACK 'data scaling'   .        ? 3 
SHELXCD   phasing          .        ? 4 
SHELXD    phasing          .        ? 5 
SHELXE    phasing          .        ? 6 
# 
_cell.entry_id           2CJJ 
_cell.length_a           44.594 
_cell.length_b           44.594 
_cell.length_c           71.890 
_cell.angle_alpha        90.00 
_cell.angle_beta         90.00 
_cell.angle_gamma        90.00 
_cell.Z_PDB              8 
_cell.pdbx_unique_axis   ? 
# 
_symmetry.entry_id                         2CJJ 
_symmetry.space_group_name_H-M             'P 41 21 2' 
_symmetry.pdbx_full_space_group_name_H-M   ? 
_symmetry.cell_setting                     ? 
_symmetry.Int_Tables_number                92 
# 
_exptl.entry_id          2CJJ 
_exptl.method            'X-RAY DIFFRACTION' 
_exptl.crystals_number   1 
# 
_exptl_crystal.id                    1 
_exptl_crystal.density_meas          ? 
_exptl_crystal.density_Matthews      2.3 
_exptl_crystal.density_percent_sol   46 
_exptl_crystal.description           ? 
# 
_exptl_crystal_grow.crystal_id      1 
_exptl_crystal_grow.method          ? 
_exptl_crystal_grow.temp            ? 
_exptl_crystal_grow.temp_details    ? 
_exptl_crystal_grow.pH              9.50 
_exptl_crystal_grow.pdbx_pH_range   ? 
_exptl_crystal_grow.pdbx_details    'pH 9.50' 
# 
_diffrn.id                     1 
_diffrn.ambient_temp           100.0 
_diffrn.ambient_temp_details   ? 
_diffrn.crystal_id             1 
# 
_diffrn_detector.diffrn_id              1 
_diffrn_detector.detector               'IMAGE PLATE' 
_diffrn_detector.type                   MARRESEARCH 
_diffrn_detector.pdbx_collection_date   2004-05-18 
_diffrn_detector.details                MIRRORS 
# 
_diffrn_radiation.diffrn_id                        1 
_diffrn_radiation.wavelength_id                    1 
_diffrn_radiation.pdbx_monochromatic_or_laue_m_l   M 
_diffrn_radiation.monochromator                    ? 
_diffrn_radiation.pdbx_diffrn_protocol             'SINGLE WAVELENGTH' 
_diffrn_radiation.pdbx_scattering_type             x-ray 
# 
_diffrn_radiation_wavelength.id           1 
_diffrn_radiation_wavelength.wavelength   1.5418 
_diffrn_radiation_wavelength.wt           1.0 
# 
_diffrn_source.diffrn_id                   1 
_diffrn_source.source                      'ROTATING ANODE' 
_diffrn_source.type                        'RIGAKU RUH3R' 
_diffrn_source.pdbx_synchrotron_site       ? 
_diffrn_source.pdbx_synchrotron_beamline   ? 
_diffrn_source.pdbx_wavelength             1.5418 
_diffrn_source.pdbx_wavelength_list        ? 
# 
_reflns.pdbx_diffrn_id               1 
_reflns.pdbx_ordinal                 1 
_reflns.entry_id                     2CJJ 
_reflns.observed_criterion_sigma_I   3.000 
_reflns.observed_criterion_sigma_F   ? 
_reflns.d_resolution_low             37.900 
_reflns.d_resolution_high            1.900 
_reflns.number_obs                   6112 
_reflns.number_all                   ? 
_reflns.percent_possible_obs         98.6 
_reflns.pdbx_Rmerge_I_obs            0.07000 
_reflns.pdbx_Rsym_value              ? 
_reflns.pdbx_netI_over_sigmaI        33.3000 
_reflns.B_iso_Wilson_estimate        26.10 
_reflns.pdbx_redundancy              10.800 
# 
_reflns_shell.pdbx_diffrn_id         1 
_reflns_shell.pdbx_ordinal           1 
_reflns_shell.d_res_high             1.90 
_reflns_shell.d_res_low              1.97 
_reflns_shell.percent_possible_all   99.3 
_reflns_shell.Rmerge_I_obs           0.56000 
_reflns_shell.pdbx_Rsym_value        ? 
_reflns_shell.meanI_over_sigI_obs    3.600 
_reflns_shell.pdbx_redundancy        ? 
# 
_refine.pdbx_refine_id                           'X-RAY DIFFRACTION' 
_refine.entry_id                                 2CJJ 
_refine.pdbx_diffrn_id                           1 
_refine.pdbx_TLS_residual_ADP_flag               'LIKELY RESIDUAL' 
_refine.ls_number_reflns_obs                     5727 
_refine.ls_number_reflns_all                     ? 
_refine.pdbx_ls_sigma_I                          ? 
_refine.pdbx_ls_sigma_F                          ? 
_refine.pdbx_data_cutoff_high_absF               ? 
_refine.pdbx_data_cutoff_low_absF                ? 
_refine.pdbx_data_cutoff_high_rms_absF           ? 
_refine.ls_d_res_low                             37.90 
_refine.ls_d_res_high                            1.90 
_refine.ls_percent_reflns_obs                    97.5 
_refine.ls_R_factor_obs                          0.216 
_refine.ls_R_factor_all                          ? 
_refine.ls_R_factor_R_work                       0.215 
_refine.ls_R_factor_R_free                       0.250 
_refine.ls_R_factor_R_free_error                 ? 
_refine.ls_R_factor_R_free_error_details         ? 
_refine.ls_percent_reflns_R_free                 4.600 
_refine.ls_number_reflns_R_free                  278 
_refine.ls_number_parameters                     ? 
_refine.ls_number_restraints                     ? 
_refine.occupancy_min                            ? 
_refine.occupancy_max                            ? 
_refine.correlation_coeff_Fo_to_Fc               0.949 
_refine.correlation_coeff_Fo_to_Fc_free          0.930 
_refine.B_iso_mean                               24.04 
_refine.aniso_B[1][1]                            -0.25000 
_refine.aniso_B[2][2]                            -0.25000 
_refine.aniso_B[3][3]                            0.51000 
_refine.aniso_B[1][2]                            0.00000 
_refine.aniso_B[1][3]                            0.00000 
_refine.aniso_B[2][3]                            0.00000 
_refine.solvent_model_details                    MASK 
_refine.solvent_model_param_ksol                 ? 
_refine.solvent_model_param_bsol                 ? 
_refine.pdbx_solvent_vdw_probe_radii             1.40 
_refine.pdbx_solvent_ion_probe_radii             0.80 
_refine.pdbx_solvent_shrinkage_radii             0.80 
_refine.pdbx_ls_cross_valid_method               THROUGHOUT 
_refine.details                                  'HYDROGENS HAVE BEEN ADDED IN THE RIDING POSITIONS.' 
_refine.pdbx_starting_model                      ? 
_refine.pdbx_method_to_determine_struct          SIRAS 
_refine.pdbx_isotropic_thermal_model             ? 
_refine.pdbx_stereochemistry_target_values       'MAXIMUM LIKELIHOOD' 
_refine.pdbx_stereochem_target_val_spec_case     ? 
_refine.pdbx_R_Free_selection_details            RANDOM 
_refine.pdbx_overall_ESU_R                       0.168 
_refine.pdbx_overall_ESU_R_Free                  0.152 
_refine.overall_SU_ML                            0.125 
_refine.pdbx_overall_phase_error                 ? 
_refine.overall_SU_B                             9.067 
_refine.overall_SU_R_Cruickshank_DPI             ? 
_refine.pdbx_overall_SU_R_free_Cruickshank_DPI   ? 
_refine.pdbx_overall_SU_R_Blow_DPI               ? 
_refine.pdbx_overall_SU_R_free_Blow_DPI          ? 
# 
_refine_hist.pdbx_refine_id                   'X-RAY DIFFRACTION' 
_refine_hist.cycle_id                         LAST 
_refine_hist.pdbx_number_atoms_protein        512 
_refine_hist.pdbx_number_atoms_nucleic_acid   0 
_refine_hist.pdbx_number_atoms_ligand         0 
_refine_hist.number_atoms_solvent             49 
_refine_hist.number_atoms_total               561 
_refine_hist.d_res_high                       1.90 
_refine_hist.d_res_low                        37.90 
# 
loop_
_refine_ls_restr.type 
_refine_ls_restr.dev_ideal 
_refine_ls_restr.dev_ideal_target 
_refine_ls_restr.weight 
_refine_ls_restr.number 
_refine_ls_restr.pdbx_refine_id 
_refine_ls_restr.pdbx_restraint_function 
r_bond_refined_d             0.021  0.022  ? 525 'X-RAY DIFFRACTION' ? 
r_bond_other_d               0.002  0.020  ? 374 'X-RAY DIFFRACTION' ? 
r_angle_refined_deg          1.934  1.949  ? 710 'X-RAY DIFFRACTION' ? 
r_angle_other_deg            1.107  3.000  ? 905 'X-RAY DIFFRACTION' ? 
r_dihedral_angle_1_deg       5.758  5.000  ? 62  'X-RAY DIFFRACTION' ? 
r_dihedral_angle_2_deg       30.087 23.846 ? 26  'X-RAY DIFFRACTION' ? 
r_dihedral_angle_3_deg       16.939 15.000 ? 91  'X-RAY DIFFRACTION' ? 
r_dihedral_angle_4_deg       7.321  15.000 ? 4   'X-RAY DIFFRACTION' ? 
r_chiral_restr               0.132  0.200  ? 73  'X-RAY DIFFRACTION' ? 
r_gen_planes_refined         0.007  0.020  ? 578 'X-RAY DIFFRACTION' ? 
r_gen_planes_other           0.001  0.020  ? 108 'X-RAY DIFFRACTION' ? 
r_nbd_refined                0.217  0.200  ? 113 'X-RAY DIFFRACTION' ? 
r_nbd_other                  0.188  0.200  ? 351 'X-RAY DIFFRACTION' ? 
r_nbtor_refined              0.195  0.200  ? 255 'X-RAY DIFFRACTION' ? 
r_nbtor_other                0.088  0.200  ? 280 'X-RAY DIFFRACTION' ? 
r_xyhbond_nbd_refined        0.222  0.200  ? 38  'X-RAY DIFFRACTION' ? 
r_xyhbond_nbd_other          ?      ?      ? ?   'X-RAY DIFFRACTION' ? 
r_metal_ion_refined          ?      ?      ? ?   'X-RAY DIFFRACTION' ? 
r_metal_ion_other            ?      ?      ? ?   'X-RAY DIFFRACTION' ? 
r_symmetry_vdw_refined       0.132  0.200  ? 8   'X-RAY DIFFRACTION' ? 
r_symmetry_vdw_other         0.241  0.200  ? 34  'X-RAY DIFFRACTION' ? 
r_symmetry_hbond_refined     0.050  0.200  ? 5   'X-RAY DIFFRACTION' ? 
r_symmetry_hbond_other       ?      ?      ? ?   'X-RAY DIFFRACTION' ? 
r_symmetry_metal_ion_refined ?      ?      ? ?   'X-RAY DIFFRACTION' ? 
r_symmetry_metal_ion_other   ?      ?      ? ?   'X-RAY DIFFRACTION' ? 
r_mcbond_it                  0.991  1.500  ? 346 'X-RAY DIFFRACTION' ? 
r_mcbond_other               ?      ?      ? ?   'X-RAY DIFFRACTION' ? 
r_mcangle_it                 1.380  2.000  ? 508 'X-RAY DIFFRACTION' ? 
r_mcangle_other              ?      ?      ? ?   'X-RAY DIFFRACTION' ? 
r_scbond_it                  2.368  3.000  ? 243 'X-RAY DIFFRACTION' ? 
r_scbond_other               ?      ?      ? ?   'X-RAY DIFFRACTION' ? 
r_scangle_it                 3.213  4.500  ? 202 'X-RAY DIFFRACTION' ? 
r_scangle_other              ?      ?      ? ?   'X-RAY DIFFRACTION' ? 
r_long_range_B_refined       ?      ?      ? ?   'X-RAY DIFFRACTION' ? 
r_long_range_B_other         ?      ?      ? ?   'X-RAY DIFFRACTION' ? 
r_rigid_bond_restr           ?      ?      ? ?   'X-RAY DIFFRACTION' ? 
r_sphericity_free            ?      ?      ? ?   'X-RAY DIFFRACTION' ? 
r_sphericity_bonded          ?      ?      ? ?   'X-RAY DIFFRACTION' ? 
# 
_refine_ls_shell.pdbx_refine_id                   'X-RAY DIFFRACTION' 
_refine_ls_shell.pdbx_total_number_of_bins_used   20 
_refine_ls_shell.d_res_high                       1.90 
_refine_ls_shell.d_res_low                        1.95 
_refine_ls_shell.number_reflns_R_work             421 
_refine_ls_shell.R_factor_R_work                  0.4470 
_refine_ls_shell.percent_reflns_obs               ? 
_refine_ls_shell.R_factor_R_free                  0.5080 
_refine_ls_shell.R_factor_R_free_error            ? 
_refine_ls_shell.percent_reflns_R_free            ? 
_refine_ls_shell.number_reflns_R_free             21 
_refine_ls_shell.number_reflns_all                ? 
_refine_ls_shell.R_factor_all                     ? 
# 
_struct.entry_id                  2CJJ 
_struct.title                     'Crystal Structure of the MYB domain of the RAD transcription factor from Antirrhinum majus' 
_struct.pdbx_model_details        ? 
_struct.pdbx_CASP_flag            ? 
_struct.pdbx_model_type_details   ? 
# 
_struct_keywords.entry_id        2CJJ 
_struct_keywords.pdbx_keywords   'DNA BINDING PROTEIN' 
_struct_keywords.text            
;PLANT DEVELOPMENT, DNA-BINDING PROTEIN, MYB TRANSCRIPTION FACTOR, DNA-BINDING, NUCLEAR PROTEIN, FLORAL ASYMMETRY, DNA BINDING PROTEIN
;
# 
loop_
_struct_asym.id 
_struct_asym.pdbx_blank_PDB_chainid_flag 
_struct_asym.pdbx_modified 
_struct_asym.entity_id 
_struct_asym.details 
A N N 1 ? 
B N N 2 ? 
# 
_struct_ref.id                         1 
_struct_ref.db_name                    UNP 
_struct_ref.db_code                    Q58FS3_ANTMA 
_struct_ref.entity_id                  1 
_struct_ref.pdbx_seq_one_letter_code   ? 
_struct_ref.pdbx_align_begin           ? 
_struct_ref.pdbx_db_accession          Q58FS3 
_struct_ref.pdbx_db_isoform            ? 
# 
_struct_ref_seq.align_id                      1 
_struct_ref_seq.ref_id                        1 
_struct_ref_seq.pdbx_PDB_id_code              2CJJ 
_struct_ref_seq.pdbx_strand_id                A 
_struct_ref_seq.seq_align_beg                 1 
_struct_ref_seq.pdbx_seq_align_beg_ins_code   ? 
_struct_ref_seq.seq_align_end                 93 
_struct_ref_seq.pdbx_seq_align_end_ins_code   ? 
_struct_ref_seq.pdbx_db_accession             Q58FS3 
_struct_ref_seq.db_align_beg                  1 
_struct_ref_seq.pdbx_db_align_beg_ins_code    ? 
_struct_ref_seq.db_align_end                  93 
_struct_ref_seq.pdbx_db_align_end_ins_code    ? 
_struct_ref_seq.pdbx_auth_seq_align_beg       1 
_struct_ref_seq.pdbx_auth_seq_align_end       93 
# 
_pdbx_struct_assembly.id                   1 
_pdbx_struct_assembly.details              author_and_software_defined_assembly 
_pdbx_struct_assembly.method_details       PQS 
_pdbx_struct_assembly.oligomeric_details   monomeric 
_pdbx_struct_assembly.oligomeric_count     1 
# 
_pdbx_struct_assembly_gen.assembly_id       1 
_pdbx_struct_assembly_gen.oper_expression   1 
_pdbx_struct_assembly_gen.asym_id_list      A,B 
# 
_pdbx_struct_oper_list.id                   1 
_pdbx_struct_oper_list.type                 'identity operation' 
_pdbx_struct_oper_list.name                 1_555 
_pdbx_struct_oper_list.symmetry_operation   x,y,z 
_pdbx_struct_oper_list.matrix[1][1]         1.0000000000 
_pdbx_struct_oper_list.matrix[1][2]         0.0000000000 
_pdbx_struct_oper_list.matrix[1][3]         0.0000000000 
_pdbx_struct_oper_list.vector[1]            0.0000000000 
_pdbx_struct_oper_list.matrix[2][1]         0.0000000000 
_pdbx_struct_oper_list.matrix[2][2]         1.0000000000 
_pdbx_struct_oper_list.matrix[2][3]         0.0000000000 
_pdbx_struct_oper_list.vector[2]            0.0000000000 
_pdbx_struct_oper_list.matrix[3][1]         0.0000000000 
_pdbx_struct_oper_list.matrix[3][2]         0.0000000000 
_pdbx_struct_oper_list.matrix[3][3]         1.0000000000 
_pdbx_struct_oper_list.vector[3]            0.0000000000 
# 
_struct_biol.id   1 
# 
loop_
_struct_conf.conf_type_id 
_struct_conf.id 
_struct_conf.pdbx_PDB_helix_id 
_struct_conf.beg_label_comp_id 
_struct_conf.beg_label_asym_id 
_struct_conf.beg_label_seq_id 
_struct_conf.pdbx_beg_PDB_ins_code 
_struct_conf.end_label_comp_id 
_struct_conf.end_label_asym_id 
_struct_conf.end_label_seq_id 
_struct_conf.pdbx_end_PDB_ins_code 
_struct_conf.beg_auth_comp_id 
_struct_conf.beg_auth_asym_id 
_struct_conf.beg_auth_seq_id 
_struct_conf.end_auth_comp_id 
_struct_conf.end_auth_asym_id 
_struct_conf.end_auth_seq_id 
_struct_conf.pdbx_PDB_helix_class 
_struct_conf.details 
_struct_conf.pdbx_PDB_helix_length 
HELX_P HELX_P1 1 SER A 12 ? TYR A 26 ? SER A 12 TYR A 26 1 ? 15 
HELX_P HELX_P2 2 ASP A 32 ? VAL A 41 ? ASP A 32 VAL A 41 1 ? 10 
HELX_P HELX_P3 3 THR A 45 ? GLY A 66 ? THR A 45 GLY A 66 1 ? 22 
# 
_struct_conf_type.id          HELX_P 
_struct_conf_type.criteria    ? 
_struct_conf_type.reference   ? 
# 
_pdbx_validate_rmsd_angle.id                         1 
_pdbx_validate_rmsd_angle.PDB_model_num              1 
_pdbx_validate_rmsd_angle.auth_atom_id_1             CB 
_pdbx_validate_rmsd_angle.auth_asym_id_1             A 
_pdbx_validate_rmsd_angle.auth_comp_id_1             ASP 
_pdbx_validate_rmsd_angle.auth_seq_id_1              27 
_pdbx_validate_rmsd_angle.PDB_ins_code_1             ? 
_pdbx_validate_rmsd_angle.label_alt_id_1             ? 
_pdbx_validate_rmsd_angle.auth_atom_id_2             CG 
_pdbx_validate_rmsd_angle.auth_asym_id_2             A 
_pdbx_validate_rmsd_angle.auth_comp_id_2             ASP 
_pdbx_validate_rmsd_angle.auth_seq_id_2              27 
_pdbx_validate_rmsd_angle.PDB_ins_code_2             ? 
_pdbx_validate_rmsd_angle.label_alt_id_2             ? 
_pdbx_validate_rmsd_angle.auth_atom_id_3             OD1 
_pdbx_validate_rmsd_angle.auth_asym_id_3             A 
_pdbx_validate_rmsd_angle.auth_comp_id_3             ASP 
_pdbx_validate_rmsd_angle.auth_seq_id_3              27 
_pdbx_validate_rmsd_angle.PDB_ins_code_3             ? 
_pdbx_validate_rmsd_angle.label_alt_id_3             ? 
_pdbx_validate_rmsd_angle.angle_value                124.50 
_pdbx_validate_rmsd_angle.angle_target_value         118.30 
_pdbx_validate_rmsd_angle.angle_deviation            6.20 
_pdbx_validate_rmsd_angle.angle_standard_deviation   0.90 
_pdbx_validate_rmsd_angle.linker_flag                N 
# 
loop_
_pdbx_refine_tls.pdbx_refine_id 
_pdbx_refine_tls.id 
_pdbx_refine_tls.details 
_pdbx_refine_tls.method 
_pdbx_refine_tls.origin_x 
_pdbx_refine_tls.origin_y 
_pdbx_refine_tls.origin_z 
_pdbx_refine_tls.T[1][1] 
_pdbx_refine_tls.T[2][2] 
_pdbx_refine_tls.T[3][3] 
_pdbx_refine_tls.T[1][2] 
_pdbx_refine_tls.T[1][3] 
_pdbx_refine_tls.T[2][3] 
_pdbx_refine_tls.L[1][1] 
_pdbx_refine_tls.L[2][2] 
_pdbx_refine_tls.L[3][3] 
_pdbx_refine_tls.L[1][2] 
_pdbx_refine_tls.L[1][3] 
_pdbx_refine_tls.L[2][3] 
_pdbx_refine_tls.S[1][1] 
_pdbx_refine_tls.S[1][2] 
_pdbx_refine_tls.S[1][3] 
_pdbx_refine_tls.S[2][1] 
_pdbx_refine_tls.S[2][2] 
_pdbx_refine_tls.S[2][3] 
_pdbx_refine_tls.S[3][1] 
_pdbx_refine_tls.S[3][2] 
_pdbx_refine_tls.S[3][3] 
'X-RAY DIFFRACTION' 1 ? refined -2.9459 4.9896   6.1705  -0.0670 -0.0537 -0.1445 0.0294  -0.0124 0.0102  11.5967 8.1020  14.8472 -1.2870 3.8807  -1.9895 -0.3093 -1.2163 -0.0458 0.6649  0.0404  -0.2041 -0.4629 -0.0693 0.2689  
'X-RAY DIFFRACTION' 2 ? refined 0.2860  5.2757   -7.4518 -0.0897 -0.1245 -0.0986 -0.0040 0.0544  -0.0008 10.7640 3.9351  1.5836  2.2394  -0.6808 -2.4534 -0.2339 0.6416  -0.5646 -0.4816 0.1107  -0.3885 0.3205  0.2398  0.1231  
'X-RAY DIFFRACTION' 3 ? refined 3.8182  1.0112   1.5608  -0.1385 -0.0502 -0.0491 0.0275  -0.0106 0.0566  8.5584  22.0488 3.9925  11.6182 -1.7481 -1.7138 -0.0195 -0.2155 -0.3059 0.1581  -0.1463 -0.7483 -0.0328 0.3877  0.1658  
'X-RAY DIFFRACTION' 4 ? refined -2.0197 -15.3624 3.4186  -0.1295 -0.1499 -0.1211 -0.0235 0.0008  -0.0196 11.7461 7.4555  6.0446  -5.3097 -2.1021 -2.4516 0.1522  0.4834  0.1116  -0.2083 -0.0986 -0.5338 -0.0007 0.3275  -0.0535  
# 
loop_
_pdbx_refine_tls_group.pdbx_refine_id 
_pdbx_refine_tls_group.id 
_pdbx_refine_tls_group.refine_tls_id 
_pdbx_refine_tls_group.beg_auth_asym_id 
_pdbx_refine_tls_group.beg_auth_seq_id 
_pdbx_refine_tls_group.beg_label_asym_id 
_pdbx_refine_tls_group.beg_label_seq_id 
_pdbx_refine_tls_group.end_auth_asym_id 
_pdbx_refine_tls_group.end_auth_seq_id 
_pdbx_refine_tls_group.end_label_asym_id 
_pdbx_refine_tls_group.end_label_seq_id 
_pdbx_refine_tls_group.selection 
_pdbx_refine_tls_group.selection_details 
'X-RAY DIFFRACTION' 1 1 A 8  ? ? A 20 ? ? ? ? 
'X-RAY DIFFRACTION' 2 2 A 21 ? ? A 41 ? ? ? ? 
'X-RAY DIFFRACTION' 3 3 A 42 ? ? A 57 ? ? ? ? 
'X-RAY DIFFRACTION' 4 4 A 58 ? ? A 70 ? ? ? ? 
# 
loop_
_pdbx_unobs_or_zero_occ_residues.id 
_pdbx_unobs_or_zero_occ_residues.PDB_model_num 
_pdbx_unobs_or_zero_occ_residues.polymer_flag 
_pdbx_unobs_or_zero_occ_residues.occupancy_flag 
_pdbx_unobs_or_zero_occ_residues.auth_asym_id 
_pdbx_unobs_or_zero_occ_residues.auth_comp_id 
_pdbx_unobs_or_zero_occ_residues.auth_seq_id 
_pdbx_unobs_or_zero_occ_residues.PDB_ins_code 
_pdbx_unobs_or_zero_occ_residues.label_asym_id 
_pdbx_unobs_or_zero_occ_residues.label_comp_id 
_pdbx_unobs_or_zero_occ_residues.label_seq_id 
1  1 Y 1 A MET 1  ? A MET 1  
2  1 Y 1 A ALA 2  ? A ALA 2  
3  1 Y 1 A SER 3  ? A SER 3  
4  1 Y 1 A THR 4  ? A THR 4  
5  1 Y 1 A ARG 5  ? A ARG 5  
6  1 Y 1 A GLY 6  ? A GLY 6  
7  1 Y 1 A SER 7  ? A SER 7  
8  1 Y 1 A PRO 71 ? A PRO 71 
9  1 Y 1 A ASN 72 ? A ASN 72 
10 1 Y 1 A TYR 73 ? A TYR 73 
11 1 Y 1 A ARG 74 ? A ARG 74 
12 1 Y 1 A THR 75 ? A THR 75 
13 1 Y 1 A THR 76 ? A THR 76 
14 1 Y 1 A GLY 77 ? A GLY 77 
15 1 Y 1 A GLY 78 ? A GLY 78 
16 1 Y 1 A ASN 79 ? A ASN 79 
17 1 Y 1 A MET 80 ? A MET 80 
18 1 Y 1 A LYS 81 ? A LYS 81 
19 1 Y 1 A THR 82 ? A THR 82 
20 1 Y 1 A ASP 83 ? A ASP 83 
21 1 Y 1 A GLU 84 ? A GLU 84 
22 1 Y 1 A LYS 85 ? A LYS 85 
23 1 Y 1 A ARG 86 ? A ARG 86 
24 1 Y 1 A PHE 87 ? A PHE 87 
25 1 Y 1 A ARG 88 ? A ARG 88 
26 1 Y 1 A ASN 89 ? A ASN 89 
27 1 Y 1 A LEU 90 ? A LEU 90 
28 1 Y 1 A LYS 91 ? A LYS 91 
29 1 Y 1 A ILE 92 ? A ILE 92 
30 1 Y 1 A ARG 93 ? A ARG 93 
# 
loop_
_chem_comp_atom.comp_id 
_chem_comp_atom.atom_id 
_chem_comp_atom.type_symbol 
_chem_comp_atom.pdbx_aromatic_flag 
_chem_comp_atom.pdbx_stereo_config 
_chem_comp_atom.pdbx_ordinal 
ALA N    N N N 1   
ALA CA   C N S 2   
ALA C    C N N 3   
ALA O    O N N 4   
ALA CB   C N N 5   
ALA OXT  O N N 6   
ALA H    H N N 7   
ALA H2   H N N 8   
ALA HA   H N N 9   
ALA HB1  H N N 10  
ALA HB2  H N N 11  
ALA HB3  H N N 12  
ALA HXT  H N N 13  
ARG N    N N N 14  
ARG CA   C N S 15  
ARG C    C N N 16  
ARG O    O N N 17  
ARG CB   C N N 18  
ARG CG   C N N 19  
ARG CD   C N N 20  
ARG NE   N N N 21  
ARG CZ   C N N 22  
ARG NH1  N N N 23  
ARG NH2  N N N 24  
ARG OXT  O N N 25  
ARG H    H N N 26  
ARG H2   H N N 27  
ARG HA   H N N 28  
ARG HB2  H N N 29  
ARG HB3  H N N 30  
ARG HG2  H N N 31  
ARG HG3  H N N 32  
ARG HD2  H N N 33  
ARG HD3  H N N 34  
ARG HE   H N N 35  
ARG HH11 H N N 36  
ARG HH12 H N N 37  
ARG HH21 H N N 38  
ARG HH22 H N N 39  
ARG HXT  H N N 40  
ASN N    N N N 41  
ASN CA   C N S 42  
ASN C    C N N 43  
ASN O    O N N 44  
ASN CB   C N N 45  
ASN CG   C N N 46  
ASN OD1  O N N 47  
ASN ND2  N N N 48  
ASN OXT  O N N 49  
ASN H    H N N 50  
ASN H2   H N N 51  
ASN HA   H N N 52  
ASN HB2  H N N 53  
ASN HB3  H N N 54  
ASN HD21 H N N 55  
ASN HD22 H N N 56  
ASN HXT  H N N 57  
ASP N    N N N 58  
ASP CA   C N S 59  
ASP C    C N N 60  
ASP O    O N N 61  
ASP CB   C N N 62  
ASP CG   C N N 63  
ASP OD1  O N N 64  
ASP OD2  O N N 65  
ASP OXT  O N N 66  
ASP H    H N N 67  
ASP H2   H N N 68  
ASP HA   H N N 69  
ASP HB2  H N N 70  
ASP HB3  H N N 71  
ASP HD2  H N N 72  
ASP HXT  H N N 73  
GLU N    N N N 74  
GLU CA   C N S 75  
GLU C    C N N 76  
GLU O    O N N 77  
GLU CB   C N N 78  
GLU CG   C N N 79  
GLU CD   C N N 80  
GLU OE1  O N N 81  
GLU OE2  O N N 82  
GLU OXT  O N N 83  
GLU H    H N N 84  
GLU H2   H N N 85  
GLU HA   H N N 86  
GLU HB2  H N N 87  
GLU HB3  H N N 88  
GLU HG2  H N N 89  
GLU HG3  H N N 90  
GLU HE2  H N N 91  
GLU HXT  H N N 92  
GLY N    N N N 93  
GLY CA   C N N 94  
GLY C    C N N 95  
GLY O    O N N 96  
GLY OXT  O N N 97  
GLY H    H N N 98  
GLY H2   H N N 99  
GLY HA2  H N N 100 
GLY HA3  H N N 101 
GLY HXT  H N N 102 
HIS N    N N N 103 
HIS CA   C N S 104 
HIS C    C N N 105 
HIS O    O N N 106 
HIS CB   C N N 107 
HIS CG   C Y N 108 
HIS ND1  N Y N 109 
HIS CD2  C Y N 110 
HIS CE1  C Y N 111 
HIS NE2  N Y N 112 
HIS OXT  O N N 113 
HIS H    H N N 114 
HIS H2   H N N 115 
HIS HA   H N N 116 
HIS HB2  H N N 117 
HIS HB3  H N N 118 
HIS HD1  H N N 119 
HIS HD2  H N N 120 
HIS HE1  H N N 121 
HIS HE2  H N N 122 
HIS HXT  H N N 123 
HOH O    O N N 124 
HOH H1   H N N 125 
HOH H2   H N N 126 
ILE N    N N N 127 
ILE CA   C N S 128 
ILE C    C N N 129 
ILE O    O N N 130 
ILE CB   C N S 131 
ILE CG1  C N N 132 
ILE CG2  C N N 133 
ILE CD1  C N N 134 
ILE OXT  O N N 135 
ILE H    H N N 136 
ILE H2   H N N 137 
ILE HA   H N N 138 
ILE HB   H N N 139 
ILE HG12 H N N 140 
ILE HG13 H N N 141 
ILE HG21 H N N 142 
ILE HG22 H N N 143 
ILE HG23 H N N 144 
ILE HD11 H N N 145 
ILE HD12 H N N 146 
ILE HD13 H N N 147 
ILE HXT  H N N 148 
LEU N    N N N 149 
LEU CA   C N S 150 
LEU C    C N N 151 
LEU O    O N N 152 
LEU CB   C N N 153 
LEU CG   C N N 154 
LEU CD1  C N N 155 
LEU CD2  C N N 156 
LEU OXT  O N N 157 
LEU H    H N N 158 
LEU H2   H N N 159 
LEU HA   H N N 160 
LEU HB2  H N N 161 
LEU HB3  H N N 162 
LEU HG   H N N 163 
LEU HD11 H N N 164 
LEU HD12 H N N 165 
LEU HD13 H N N 166 
LEU HD21 H N N 167 
LEU HD22 H N N 168 
LEU HD23 H N N 169 
LEU HXT  H N N 170 
LYS N    N N N 171 
LYS CA   C N S 172 
LYS C    C N N 173 
LYS O    O N N 174 
LYS CB   C N N 175 
LYS CG   C N N 176 
LYS CD   C N N 177 
LYS CE   C N N 178 
LYS NZ   N N N 179 
LYS OXT  O N N 180 
LYS H    H N N 181 
LYS H2   H N N 182 
LYS HA   H N N 183 
LYS HB2  H N N 184 
LYS HB3  H N N 185 
LYS HG2  H N N 186 
LYS HG3  H N N 187 
LYS HD2  H N N 188 
LYS HD3  H N N 189 
LYS HE2  H N N 190 
LYS HE3  H N N 191 
LYS HZ1  H N N 192 
LYS HZ2  H N N 193 
LYS HZ3  H N N 194 
LYS HXT  H N N 195 
MET N    N N N 196 
MET CA   C N S 197 
MET C    C N N 198 
MET O    O N N 199 
MET CB   C N N 200 
MET CG   C N N 201 
MET SD   S N N 202 
MET CE   C N N 203 
MET OXT  O N N 204 
MET H    H N N 205 
MET H2   H N N 206 
MET HA   H N N 207 
MET HB2  H N N 208 
MET HB3  H N N 209 
MET HG2  H N N 210 
MET HG3  H N N 211 
MET HE1  H N N 212 
MET HE2  H N N 213 
MET HE3  H N N 214 
MET HXT  H N N 215 
PHE N    N N N 216 
PHE CA   C N S 217 
PHE C    C N N 218 
PHE O    O N N 219 
PHE CB   C N N 220 
PHE CG   C Y N 221 
PHE CD1  C Y N 222 
PHE CD2  C Y N 223 
PHE CE1  C Y N 224 
PHE CE2  C Y N 225 
PHE CZ   C Y N 226 
PHE OXT  O N N 227 
PHE H    H N N 228 
PHE H2   H N N 229 
PHE HA   H N N 230 
PHE HB2  H N N 231 
PHE HB3  H N N 232 
PHE HD1  H N N 233 
PHE HD2  H N N 234 
PHE HE1  H N N 235 
PHE HE2  H N N 236 
PHE HZ   H N N 237 
PHE HXT  H N N 238 
PRO N    N N N 239 
PRO CA   C N S 240 
PRO C    C N N 241 
PRO O    O N N 242 
PRO CB   C N N 243 
PRO CG   C N N 244 
PRO CD   C N N 245 
PRO OXT  O N N 246 
PRO H    H N N 247 
PRO HA   H N N 248 
PRO HB2  H N N 249 
PRO HB3  H N N 250 
PRO HG2  H N N 251 
PRO HG3  H N N 252 
PRO HD2  H N N 253 
PRO HD3  H N N 254 
PRO HXT  H N N 255 
SER N    N N N 256 
SER CA   C N S 257 
SER C    C N N 258 
SER O    O N N 259 
SER CB   C N N 260 
SER OG   O N N 261 
SER OXT  O N N 262 
SER H    H N N 263 
SER H2   H N N 264 
SER HA   H N N 265 
SER HB2  H N N 266 
SER HB3  H N N 267 
SER HG   H N N 268 
SER HXT  H N N 269 
THR N    N N N 270 
THR CA   C N S 271 
THR C    C N N 272 
THR O    O N N 273 
THR CB   C N R 274 
THR OG1  O N N 275 
THR CG2  C N N 276 
THR OXT  O N N 277 
THR H    H N N 278 
THR H2   H N N 279 
THR HA   H N N 280 
THR HB   H N N 281 
THR HG1  H N N 282 
THR HG21 H N N 283 
THR HG22 H N N 284 
THR HG23 H N N 285 
THR HXT  H N N 286 
TRP N    N N N 287 
TRP CA   C N S 288 
TRP C    C N N 289 
TRP O    O N N 290 
TRP CB   C N N 291 
TRP CG   C Y N 292 
TRP CD1  C Y N 293 
TRP CD2  C Y N 294 
TRP NE1  N Y N 295 
TRP CE2  C Y N 296 
TRP CE3  C Y N 297 
TRP CZ2  C Y N 298 
TRP CZ3  C Y N 299 
TRP CH2  C Y N 300 
TRP OXT  O N N 301 
TRP H    H N N 302 
TRP H2   H N N 303 
TRP HA   H N N 304 
TRP HB2  H N N 305 
TRP HB3  H N N 306 
TRP HD1  H N N 307 
TRP HE1  H N N 308 
TRP HE3  H N N 309 
TRP HZ2  H N N 310 
TRP HZ3  H N N 311 
TRP HH2  H N N 312 
TRP HXT  H N N 313 
TYR N    N N N 314 
TYR CA   C N S 315 
TYR C    C N N 316 
TYR O    O N N 317 
TYR CB   C N N 318 
TYR CG   C Y N 319 
TYR CD1  C Y N 320 
TYR CD2  C Y N 321 
TYR CE1  C Y N 322 
TYR CE2  C Y N 323 
TYR CZ   C Y N 324 
TYR OH   O N N 325 
TYR OXT  O N N 326 
TYR H    H N N 327 
TYR H2   H N N 328 
TYR HA   H N N 329 
TYR HB2  H N N 330 
TYR HB3  H N N 331 
TYR HD1  H N N 332 
TYR HD2  H N N 333 
TYR HE1  H N N 334 
TYR HE2  H N N 335 
TYR HH   H N N 336 
TYR HXT  H N N 337 
VAL N    N N N 338 
VAL CA   C N S 339 
VAL C    C N N 340 
VAL O    O N N 341 
VAL CB   C N N 342 
VAL CG1  C N N 343 
VAL CG2  C N N 344 
VAL OXT  O N N 345 
VAL H    H N N 346 
VAL H2   H N N 347 
VAL HA   H N N 348 
VAL HB   H N N 349 
VAL HG11 H N N 350 
VAL HG12 H N N 351 
VAL HG13 H N N 352 
VAL HG21 H N N 353 
VAL HG22 H N N 354 
VAL HG23 H N N 355 
VAL HXT  H N N 356 
# 
loop_
_chem_comp_bond.comp_id 
_chem_comp_bond.atom_id_1 
_chem_comp_bond.atom_id_2 
_chem_comp_bond.value_order 
_chem_comp_bond.pdbx_aromatic_flag 
_chem_comp_bond.pdbx_stereo_config 
_chem_comp_bond.pdbx_ordinal 
ALA N   CA   sing N N 1   
ALA N   H    sing N N 2   
ALA N   H2   sing N N 3   
ALA CA  C    sing N N 4   
ALA CA  CB   sing N N 5   
ALA CA  HA   sing N N 6   
ALA C   O    doub N N 7   
ALA C   OXT  sing N N 8   
ALA CB  HB1  sing N N 9   
ALA CB  HB2  sing N N 10  
ALA CB  HB3  sing N N 11  
ALA OXT HXT  sing N N 12  
ARG N   CA   sing N N 13  
ARG N   H    sing N N 14  
ARG N   H2   sing N N 15  
ARG CA  C    sing N N 16  
ARG CA  CB   sing N N 17  
ARG CA  HA   sing N N 18  
ARG C   O    doub N N 19  
ARG C   OXT  sing N N 20  
ARG CB  CG   sing N N 21  
ARG CB  HB2  sing N N 22  
ARG CB  HB3  sing N N 23  
ARG CG  CD   sing N N 24  
ARG CG  HG2  sing N N 25  
ARG CG  HG3  sing N N 26  
ARG CD  NE   sing N N 27  
ARG CD  HD2  sing N N 28  
ARG CD  HD3  sing N N 29  
ARG NE  CZ   sing N N 30  
ARG NE  HE   sing N N 31  
ARG CZ  NH1  sing N N 32  
ARG CZ  NH2  doub N N 33  
ARG NH1 HH11 sing N N 34  
ARG NH1 HH12 sing N N 35  
ARG NH2 HH21 sing N N 36  
ARG NH2 HH22 sing N N 37  
ARG OXT HXT  sing N N 38  
ASN N   CA   sing N N 39  
ASN N   H    sing N N 40  
ASN N   H2   sing N N 41  
ASN CA  C    sing N N 42  
ASN CA  CB   sing N N 43  
ASN CA  HA   sing N N 44  
ASN C   O    doub N N 45  
ASN C   OXT  sing N N 46  
ASN CB  CG   sing N N 47  
ASN CB  HB2  sing N N 48  
ASN CB  HB3  sing N N 49  
ASN CG  OD1  doub N N 50  
ASN CG  ND2  sing N N 51  
ASN ND2 HD21 sing N N 52  
ASN ND2 HD22 sing N N 53  
ASN OXT HXT  sing N N 54  
ASP N   CA   sing N N 55  
ASP N   H    sing N N 56  
ASP N   H2   sing N N 57  
ASP CA  C    sing N N 58  
ASP CA  CB   sing N N 59  
ASP CA  HA   sing N N 60  
ASP C   O    doub N N 61  
ASP C   OXT  sing N N 62  
ASP CB  CG   sing N N 63  
ASP CB  HB2  sing N N 64  
ASP CB  HB3  sing N N 65  
ASP CG  OD1  doub N N 66  
ASP CG  OD2  sing N N 67  
ASP OD2 HD2  sing N N 68  
ASP OXT HXT  sing N N 69  
GLU N   CA   sing N N 70  
GLU N   H    sing N N 71  
GLU N   H2   sing N N 72  
GLU CA  C    sing N N 73  
GLU CA  CB   sing N N 74  
GLU CA  HA   sing N N 75  
GLU C   O    doub N N 76  
GLU C   OXT  sing N N 77  
GLU CB  CG   sing N N 78  
GLU CB  HB2  sing N N 79  
GLU CB  HB3  sing N N 80  
GLU CG  CD   sing N N 81  
GLU CG  HG2  sing N N 82  
GLU CG  HG3  sing N N 83  
GLU CD  OE1  doub N N 84  
GLU CD  OE2  sing N N 85  
GLU OE2 HE2  sing N N 86  
GLU OXT HXT  sing N N 87  
GLY N   CA   sing N N 88  
GLY N   H    sing N N 89  
GLY N   H2   sing N N 90  
GLY CA  C    sing N N 91  
GLY CA  HA2  sing N N 92  
GLY CA  HA3  sing N N 93  
GLY C   O    doub N N 94  
GLY C   OXT  sing N N 95  
GLY OXT HXT  sing N N 96  
HIS N   CA   sing N N 97  
HIS N   H    sing N N 98  
HIS N   H2   sing N N 99  
HIS CA  C    sing N N 100 
HIS CA  CB   sing N N 101 
HIS CA  HA   sing N N 102 
HIS C   O    doub N N 103 
HIS C   OXT  sing N N 104 
HIS CB  CG   sing N N 105 
HIS CB  HB2  sing N N 106 
HIS CB  HB3  sing N N 107 
HIS CG  ND1  sing Y N 108 
HIS CG  CD2  doub Y N 109 
HIS ND1 CE1  doub Y N 110 
HIS ND1 HD1  sing N N 111 
HIS CD2 NE2  sing Y N 112 
HIS CD2 HD2  sing N N 113 
HIS CE1 NE2  sing Y N 114 
HIS CE1 HE1  sing N N 115 
HIS NE2 HE2  sing N N 116 
HIS OXT HXT  sing N N 117 
HOH O   H1   sing N N 118 
HOH O   H2   sing N N 119 
ILE N   CA   sing N N 120 
ILE N   H    sing N N 121 
ILE N   H2   sing N N 122 
ILE CA  C    sing N N 123 
ILE CA  CB   sing N N 124 
ILE CA  HA   sing N N 125 
ILE C   O    doub N N 126 
ILE C   OXT  sing N N 127 
ILE CB  CG1  sing N N 128 
ILE CB  CG2  sing N N 129 
ILE CB  HB   sing N N 130 
ILE CG1 CD1  sing N N 131 
ILE CG1 HG12 sing N N 132 
ILE CG1 HG13 sing N N 133 
ILE CG2 HG21 sing N N 134 
ILE CG2 HG22 sing N N 135 
ILE CG2 HG23 sing N N 136 
ILE CD1 HD11 sing N N 137 
ILE CD1 HD12 sing N N 138 
ILE CD1 HD13 sing N N 139 
ILE OXT HXT  sing N N 140 
LEU N   CA   sing N N 141 
LEU N   H    sing N N 142 
LEU N   H2   sing N N 143 
LEU CA  C    sing N N 144 
LEU CA  CB   sing N N 145 
LEU CA  HA   sing N N 146 
LEU C   O    doub N N 147 
LEU C   OXT  sing N N 148 
LEU CB  CG   sing N N 149 
LEU CB  HB2  sing N N 150 
LEU CB  HB3  sing N N 151 
LEU CG  CD1  sing N N 152 
LEU CG  CD2  sing N N 153 
LEU CG  HG   sing N N 154 
LEU CD1 HD11 sing N N 155 
LEU CD1 HD12 sing N N 156 
LEU CD1 HD13 sing N N 157 
LEU CD2 HD21 sing N N 158 
LEU CD2 HD22 sing N N 159 
LEU CD2 HD23 sing N N 160 
LEU OXT HXT  sing N N 161 
LYS N   CA   sing N N 162 
LYS N   H    sing N N 163 
LYS N   H2   sing N N 164 
LYS CA  C    sing N N 165 
LYS CA  CB   sing N N 166 
LYS CA  HA   sing N N 167 
LYS C   O    doub N N 168 
LYS C   OXT  sing N N 169 
LYS CB  CG   sing N N 170 
LYS CB  HB2  sing N N 171 
LYS CB  HB3  sing N N 172 
LYS CG  CD   sing N N 173 
LYS CG  HG2  sing N N 174 
LYS CG  HG3  sing N N 175 
LYS CD  CE   sing N N 176 
LYS CD  HD2  sing N N 177 
LYS CD  HD3  sing N N 178 
LYS CE  NZ   sing N N 179 
LYS CE  HE2  sing N N 180 
LYS CE  HE3  sing N N 181 
LYS NZ  HZ1  sing N N 182 
LYS NZ  HZ2  sing N N 183 
LYS NZ  HZ3  sing N N 184 
LYS OXT HXT  sing N N 185 
MET N   CA   sing N N 186 
MET N   H    sing N N 187 
MET N   H2   sing N N 188 
MET CA  C    sing N N 189 
MET CA  CB   sing N N 190 
MET CA  HA   sing N N 191 
MET C   O    doub N N 192 
MET C   OXT  sing N N 193 
MET CB  CG   sing N N 194 
MET CB  HB2  sing N N 195 
MET CB  HB3  sing N N 196 
MET CG  SD   sing N N 197 
MET CG  HG2  sing N N 198 
MET CG  HG3  sing N N 199 
MET SD  CE   sing N N 200 
MET CE  HE1  sing N N 201 
MET CE  HE2  sing N N 202 
MET CE  HE3  sing N N 203 
MET OXT HXT  sing N N 204 
PHE N   CA   sing N N 205 
PHE N   H    sing N N 206 
PHE N   H2   sing N N 207 
PHE CA  C    sing N N 208 
PHE CA  CB   sing N N 209 
PHE CA  HA   sing N N 210 
PHE C   O    doub N N 211 
PHE C   OXT  sing N N 212 
PHE CB  CG   sing N N 213 
PHE CB  HB2  sing N N 214 
PHE CB  HB3  sing N N 215 
PHE CG  CD1  doub Y N 216 
PHE CG  CD2  sing Y N 217 
PHE CD1 CE1  sing Y N 218 
PHE CD1 HD1  sing N N 219 
PHE CD2 CE2  doub Y N 220 
PHE CD2 HD2  sing N N 221 
PHE CE1 CZ   doub Y N 222 
PHE CE1 HE1  sing N N 223 
PHE CE2 CZ   sing Y N 224 
PHE CE2 HE2  sing N N 225 
PHE CZ  HZ   sing N N 226 
PHE OXT HXT  sing N N 227 
PRO N   CA   sing N N 228 
PRO N   CD   sing N N 229 
PRO N   H    sing N N 230 
PRO CA  C    sing N N 231 
PRO CA  CB   sing N N 232 
PRO CA  HA   sing N N 233 
PRO C   O    doub N N 234 
PRO C   OXT  sing N N 235 
PRO CB  CG   sing N N 236 
PRO CB  HB2  sing N N 237 
PRO CB  HB3  sing N N 238 
PRO CG  CD   sing N N 239 
PRO CG  HG2  sing N N 240 
PRO CG  HG3  sing N N 241 
PRO CD  HD2  sing N N 242 
PRO CD  HD3  sing N N 243 
PRO OXT HXT  sing N N 244 
SER N   CA   sing N N 245 
SER N   H    sing N N 246 
SER N   H2   sing N N 247 
SER CA  C    sing N N 248 
SER CA  CB   sing N N 249 
SER CA  HA   sing N N 250 
SER C   O    doub N N 251 
SER C   OXT  sing N N 252 
SER CB  OG   sing N N 253 
SER CB  HB2  sing N N 254 
SER CB  HB3  sing N N 255 
SER OG  HG   sing N N 256 
SER OXT HXT  sing N N 257 
THR N   CA   sing N N 258 
THR N   H    sing N N 259 
THR N   H2   sing N N 260 
THR CA  C    sing N N 261 
THR CA  CB   sing N N 262 
THR CA  HA   sing N N 263 
THR C   O    doub N N 264 
THR C   OXT  sing N N 265 
THR CB  OG1  sing N N 266 
THR CB  CG2  sing N N 267 
THR CB  HB   sing N N 268 
THR OG1 HG1  sing N N 269 
THR CG2 HG21 sing N N 270 
THR CG2 HG22 sing N N 271 
THR CG2 HG23 sing N N 272 
THR OXT HXT  sing N N 273 
TRP N   CA   sing N N 274 
TRP N   H    sing N N 275 
TRP N   H2   sing N N 276 
TRP CA  C    sing N N 277 
TRP CA  CB   sing N N 278 
TRP CA  HA   sing N N 279 
TRP C   O    doub N N 280 
TRP C   OXT  sing N N 281 
TRP CB  CG   sing N N 282 
TRP CB  HB2  sing N N 283 
TRP CB  HB3  sing N N 284 
TRP CG  CD1  doub Y N 285 
TRP CG  CD2  sing Y N 286 
TRP CD1 NE1  sing Y N 287 
TRP CD1 HD1  sing N N 288 
TRP CD2 CE2  doub Y N 289 
TRP CD2 CE3  sing Y N 290 
TRP NE1 CE2  sing Y N 291 
TRP NE1 HE1  sing N N 292 
TRP CE2 CZ2  sing Y N 293 
TRP CE3 CZ3  doub Y N 294 
TRP CE3 HE3  sing N N 295 
TRP CZ2 CH2  doub Y N 296 
TRP CZ2 HZ2  sing N N 297 
TRP CZ3 CH2  sing Y N 298 
TRP CZ3 HZ3  sing N N 299 
TRP CH2 HH2  sing N N 300 
TRP OXT HXT  sing N N 301 
TYR N   CA   sing N N 302 
TYR N   H    sing N N 303 
TYR N   H2   sing N N 304 
TYR CA  C    sing N N 305 
TYR CA  CB   sing N N 306 
TYR CA  HA   sing N N 307 
TYR C   O    doub N N 308 
TYR C   OXT  sing N N 309 
TYR CB  CG   sing N N 310 
TYR CB  HB2  sing N N 311 
TYR CB  HB3  sing N N 312 
TYR CG  CD1  doub Y N 313 
TYR CG  CD2  sing Y N 314 
TYR CD1 CE1  sing Y N 315 
TYR CD1 HD1  sing N N 316 
TYR CD2 CE2  doub Y N 317 
TYR CD2 HD2  sing N N 318 
TYR CE1 CZ   doub Y N 319 
TYR CE1 HE1  sing N N 320 
TYR CE2 CZ   sing Y N 321 
TYR CE2 HE2  sing N N 322 
TYR CZ  OH   sing N N 323 
TYR OH  HH   sing N N 324 
TYR OXT HXT  sing N N 325 
VAL N   CA   sing N N 326 
VAL N   H    sing N N 327 
VAL N   H2   sing N N 328 
VAL CA  C    sing N N 329 
VAL CA  CB   sing N N 330 
VAL CA  HA   sing N N 331 
VAL C   O    doub N N 332 
VAL C   OXT  sing N N 333 
VAL CB  CG1  sing N N 334 
VAL CB  CG2  sing N N 335 
VAL CB  HB   sing N N 336 
VAL CG1 HG11 sing N N 337 
VAL CG1 HG12 sing N N 338 
VAL CG1 HG13 sing N N 339 
VAL CG2 HG21 sing N N 340 
VAL CG2 HG22 sing N N 341 
VAL CG2 HG23 sing N N 342 
VAL OXT HXT  sing N N 343 
# 
_atom_sites.entry_id                    2CJJ 
_atom_sites.fract_transf_matrix[1][1]   0.00194905 
_atom_sites.fract_transf_matrix[1][2]   -0.01436307 
_atom_sites.fract_transf_matrix[1][3]   -0.01711093 
_atom_sites.fract_transf_matrix[2][1]   0.01090214 
_atom_sites.fract_transf_matrix[2][2]   0.01560335 
_atom_sites.fract_transf_matrix[2][3]   -0.01185577 
_atom_sites.fract_transf_matrix[3][1]   0.01209526 
_atom_sites.fract_transf_matrix[3][2]   -0.00452081 
_atom_sites.fract_transf_matrix[3][3]   0.00517254 
_atom_sites.fract_transf_vector[1]      0.247340 
_atom_sites.fract_transf_vector[2]      0.170108 
_atom_sites.fract_transf_vector[3]      0.196757 
# 
loop_
_atom_type.symbol 
C 
N 
O 
# 
loop_
_atom_site.group_PDB 
_atom_site.id 
_atom_site.type_symbol 
_atom_site.label_atom_id 
_atom_site.label_alt_id 
_atom_site.label_comp_id 
_atom_site.label_asym_id 
_atom_site.label_entity_id 
_atom_site.label_seq_id 
_atom_site.pdbx_PDB_ins_code 
_atom_site.Cartn_x 
_atom_site.Cartn_y 
_atom_site.Cartn_z 
_atom_site.occupancy 
_atom_site.B_iso_or_equiv 
_atom_site.pdbx_formal_charge 
_atom_site.auth_seq_id 
_atom_site.auth_comp_id 
_atom_site.auth_asym_id 
_atom_site.auth_atom_id 
_atom_site.pdbx_PDB_model_num 
ATOM   1   N N   . GLY A 1 8  ? 6.099   8.434   13.180  1.00 34.29 ? 8    GLY A N   1 
ATOM   2   C CA  . GLY A 1 8  ? 4.774   8.267   12.498  1.00 34.09 ? 8    GLY A CA  1 
ATOM   3   C C   . GLY A 1 8  ? 4.354   6.818   12.335  1.00 33.73 ? 8    GLY A C   1 
ATOM   4   O O   . GLY A 1 8  ? 3.167   6.557   12.161  1.00 34.68 ? 8    GLY A O   1 
ATOM   5   N N   . ARG A 1 9  ? 5.311   5.888   12.468  1.00 32.71 ? 9    ARG A N   1 
ATOM   6   C CA  . ARG A 1 9  ? 5.255   4.585   11.811  1.00 32.05 ? 9    ARG A CA  1 
ATOM   7   C C   . ARG A 1 9  ? 3.896   3.883   11.617  1.00 31.32 ? 9    ARG A C   1 
ATOM   8   O O   . ARG A 1 9  ? 3.551   3.639   10.473  1.00 30.38 ? 9    ARG A O   1 
ATOM   9   C CB  . ARG A 1 9  ? 6.258   3.596   12.359  1.00 32.87 ? 9    ARG A CB  1 
ATOM   10  C CG  . ARG A 1 9  ? 6.646   2.530   11.313  1.00 34.04 ? 9    ARG A CG  1 
ATOM   11  C CD  . ARG A 1 9  ? 6.642   1.098   11.915  1.00 36.38 ? 9    ARG A CD  1 
ATOM   12  N NE  . ARG A 1 9  ? 7.760   0.281   11.424  1.00 36.81 ? 9    ARG A NE  1 
ATOM   13  N N   . PRO A 1 10 ? 3.143   3.521   12.686  1.00 29.54 ? 10   PRO A N   1 
ATOM   14  C CA  . PRO A 1 10 ? 1.907   2.822   12.268  1.00 28.47 ? 10   PRO A CA  1 
ATOM   15  C C   . PRO A 1 10 ? 0.937   3.695   11.499  1.00 27.82 ? 10   PRO A C   1 
ATOM   16  O O   . PRO A 1 10 ? 0.777   4.868   11.800  1.00 26.70 ? 10   PRO A O   1 
ATOM   17  C CB  . PRO A 1 10 ? 1.286   2.341   13.588  1.00 29.05 ? 10   PRO A CB  1 
ATOM   18  C CG  . PRO A 1 10 ? 1.956   3.099   14.657  1.00 28.64 ? 10   PRO A CG  1 
ATOM   19  C CD  . PRO A 1 10 ? 3.255   3.625   14.149  1.00 29.96 ? 10   PRO A CD  1 
ATOM   20  N N   . TRP A 1 11 ? 0.290   3.071   10.521  1.00 27.14 ? 11   TRP A N   1 
ATOM   21  C CA  . TRP A 1 11 ? -0.699  3.703   9.657   1.00 27.05 ? 11   TRP A CA  1 
ATOM   22  C C   . TRP A 1 11 ? -2.020  4.033   10.342  1.00 26.88 ? 11   TRP A C   1 
ATOM   23  O O   . TRP A 1 11 ? -2.629  3.216   10.988  1.00 25.08 ? 11   TRP A O   1 
ATOM   24  C CB  . TRP A 1 11 ? -0.946  2.833   8.398   1.00 26.98 ? 11   TRP A CB  1 
ATOM   25  C CG  . TRP A 1 11 ? 0.219   2.850   7.409   1.00 27.11 ? 11   TRP A CG  1 
ATOM   26  C CD1 . TRP A 1 11 ? 1.439   2.350   7.635   1.00 27.64 ? 11   TRP A CD1 1 
ATOM   27  C CD2 . TRP A 1 11 ? 0.247   3.395   6.074   1.00 25.56 ? 11   TRP A CD2 1 
ATOM   28  N NE1 . TRP A 1 11 ? 2.240   2.555   6.572   1.00 28.30 ? 11   TRP A NE1 1 
ATOM   29  C CE2 . TRP A 1 11 ? 1.542   3.178   5.581   1.00 28.13 ? 11   TRP A CE2 1 
ATOM   30  C CE3 . TRP A 1 11 ? -0.695  4.008   5.233   1.00 28.56 ? 11   TRP A CE3 1 
ATOM   31  C CZ2 . TRP A 1 11 ? 1.946   3.581   4.289   1.00 27.30 ? 11   TRP A CZ2 1 
ATOM   32  C CZ3 . TRP A 1 11 ? -0.278  4.439   3.967   1.00 27.27 ? 11   TRP A CZ3 1 
ATOM   33  C CH2 . TRP A 1 11 ? 1.023   4.202   3.501   1.00 27.57 ? 11   TRP A CH2 1 
ATOM   34  N N   . SER A 1 12 ? -2.463  5.265   10.167  1.00 27.83 ? 12   SER A N   1 
ATOM   35  C CA  . SER A 1 12 ? -3.760  5.674   10.658  1.00 28.69 ? 12   SER A CA  1 
ATOM   36  C C   . SER A 1 12 ? -4.844  5.335   9.641   1.00 29.39 ? 12   SER A C   1 
ATOM   37  O O   . SER A 1 12 ? -4.592  5.150   8.436   1.00 28.31 ? 12   SER A O   1 
ATOM   38  C CB  . SER A 1 12 ? -3.769  7.179   10.893  1.00 28.99 ? 12   SER A CB  1 
ATOM   39  O OG  . SER A 1 12 ? -3.725  7.849   9.640   1.00 30.74 ? 12   SER A OG  1 
ATOM   40  N N   . ALA A 1 13 ? -6.063  5.333   10.151  1.00 29.47 ? 13   ALA A N   1 
ATOM   41  C CA  . ALA A 1 13 ? -7.252  5.133   9.355   1.00 29.83 ? 13   ALA A CA  1 
ATOM   42  C C   . ALA A 1 13 ? -7.217  6.031   8.157   1.00 30.69 ? 13   ALA A C   1 
ATOM   43  O O   . ALA A 1 13 ? -7.485  5.576   7.067   1.00 30.27 ? 13   ALA A O   1 
ATOM   44  C CB  . ALA A 1 13 ? -8.480  5.424   10.147  1.00 30.03 ? 13   ALA A CB  1 
ATOM   45  N N   . LYS A 1 14 ? -6.835  7.287   8.351   1.00 31.22 ? 14   LYS A N   1 
ATOM   46  C CA  . LYS A 1 14 ? -6.911  8.250   7.275   1.00 32.06 ? 14   LYS A CA  1 
ATOM   47  C C   . LYS A 1 14 ? -5.774  8.105   6.319   1.00 31.68 ? 14   LYS A C   1 
ATOM   48  O O   . LYS A 1 14 ? -5.958  8.334   5.110   1.00 31.21 ? 14   LYS A O   1 
ATOM   49  C CB  . LYS A 1 14 ? -7.065  9.682   7.807   1.00 33.25 ? 14   LYS A CB  1 
ATOM   50  C CG  . LYS A 1 14 ? -5.856  10.605  7.743   1.00 34.79 ? 14   LYS A CG  1 
ATOM   51  C CD  . LYS A 1 14 ? -6.294  11.953  8.330   1.00 34.33 ? 14   LYS A CD  1 
ATOM   52  C CE  . LYS A 1 14 ? -5.132  12.766  8.942   1.00 36.38 ? 14   LYS A CE  1 
ATOM   53  N NZ  . LYS A 1 14 ? -5.495  14.227  9.167   1.00 36.12 ? 14   LYS A NZ  1 
ATOM   54  N N   . GLU A 1 15 ? -4.618  7.658   6.802   1.00 29.82 ? 15   GLU A N   1 
ATOM   55  C CA  . GLU A 1 15 ? -3.526  7.388   5.873   1.00 30.35 ? 15   GLU A CA  1 
ATOM   56  C C   . GLU A 1 15 ? -3.905  6.232   4.948   1.00 30.29 ? 15   GLU A C   1 
ATOM   57  O O   . GLU A 1 15 ? -3.672  6.244   3.753   1.00 29.41 ? 15   GLU A O   1 
ATOM   58  C CB  . GLU A 1 15 ? -2.250  7.046   6.615   1.00 31.07 ? 15   GLU A CB  1 
ATOM   59  C CG  . GLU A 1 15 ? -1.425  8.223   6.935   1.00 31.40 ? 15   GLU A CG  1 
ATOM   60  C CD  . GLU A 1 15 ? -0.274  7.837   7.796   1.00 30.05 ? 15   GLU A CD  1 
ATOM   61  O OE1 . GLU A 1 15 ? -0.420  6.880   8.568   1.00 23.83 ? 15   GLU A OE1 1 
ATOM   62  O OE2 . GLU A 1 15 ? 0.786   8.473   7.688   1.00 34.29 ? 15   GLU A OE2 1 
ATOM   63  N N   . ASN A 1 16 ? -4.508  5.223   5.538   1.00 31.05 ? 16   ASN A N   1 
ATOM   64  C CA  . ASN A 1 16 ? -4.929  4.092   4.814   1.00 30.80 ? 16   ASN A CA  1 
ATOM   65  C C   . ASN A 1 16 ? -5.977  4.354   3.750   1.00 30.29 ? 16   ASN A C   1 
ATOM   66  O O   . ASN A 1 16 ? -5.895  3.708   2.704   1.00 29.64 ? 16   ASN A O   1 
ATOM   67  C CB  . ASN A 1 16 ? -5.487  3.012   5.757   1.00 31.73 ? 16   ASN A CB  1 
ATOM   68  C CG  . ASN A 1 16 ? -5.647  1.683   5.048   1.00 33.77 ? 16   ASN A CG  1 
ATOM   69  O OD1 . ASN A 1 16 ? -4.662  1.191   4.421   1.00 36.50 ? 16   ASN A OD1 1 
ATOM   70  N ND2 . ASN A 1 16 ? -6.908  1.139   5.019   1.00 31.34 ? 16   ASN A ND2 1 
ATOM   71  N N   . LYS A 1 17 ? -6.953  5.215   4.039   1.00 29.65 ? 17   LYS A N   1 
ATOM   72  C CA  . LYS A 1 17 ? -8.029  5.602   3.102   1.00 30.19 ? 17   LYS A CA  1 
ATOM   73  C C   . LYS A 1 17 ? -7.436  6.314   1.912   1.00 28.61 ? 17   LYS A C   1 
ATOM   74  O O   . LYS A 1 17 ? -7.794  6.031   0.768   1.00 29.46 ? 17   LYS A O   1 
ATOM   75  C CB  . LYS A 1 17 ? -9.115  6.471   3.786   1.00 30.24 ? 17   LYS A CB  1 
ATOM   76  C CG  . LYS A 1 17 ? -10.076 5.651   4.640   1.00 31.54 ? 17   LYS A CG  1 
ATOM   77  C CD  . LYS A 1 17 ? -11.294 6.414   5.108   1.00 32.25 ? 17   LYS A CD  1 
ATOM   78  C CE  . LYS A 1 17 ? -11.816 5.873   6.463   1.00 35.20 ? 17   LYS A CE  1 
ATOM   79  N NZ  . LYS A 1 17 ? -13.242 6.127   6.775   1.00 35.74 ? 17   LYS A NZ  1 
ATOM   80  N N   . ALA A 1 18 ? -6.493  7.208   2.193   1.00 28.21 ? 18   ALA A N   1 
ATOM   81  C CA  . ALA A 1 18 ? -5.725  7.887   1.177   1.00 27.70 ? 18   ALA A CA  1 
ATOM   82  C C   . ALA A 1 18 ? -4.921  6.862   0.332   1.00 26.86 ? 18   ALA A C   1 
ATOM   83  O O   . ALA A 1 18 ? -4.924  6.891   -0.893  1.00 27.26 ? 18   ALA A O   1 
ATOM   84  C CB  . ALA A 1 18 ? -4.823  8.949   1.798   1.00 24.01 ? 18   ALA A CB  1 
ATOM   85  N N   . PHE A 1 19 ? -4.228  5.979   0.997   1.00 28.73 ? 19   PHE A N   1 
ATOM   86  C CA  . PHE A 1 19 ? -3.539  4.903   0.322   1.00 27.95 ? 19   PHE A CA  1 
ATOM   87  C C   . PHE A 1 19 ? -4.454  4.163   -0.643  1.00 27.45 ? 19   PHE A C   1 
ATOM   88  O O   . PHE A 1 19 ? -4.147  4.043   -1.822  1.00 27.93 ? 19   PHE A O   1 
ATOM   89  C CB  . PHE A 1 19 ? -2.966  3.956   1.332   1.00 28.92 ? 19   PHE A CB  1 
ATOM   90  C CG  . PHE A 1 19 ? -2.403  2.730   0.750   1.00 27.12 ? 19   PHE A CG  1 
ATOM   91  C CD1 . PHE A 1 19 ? -1.135  2.702   0.246   1.00 29.20 ? 19   PHE A CD1 1 
ATOM   92  C CD2 . PHE A 1 19 ? -3.116  1.567   0.821   1.00 29.87 ? 19   PHE A CD2 1 
ATOM   93  C CE1 . PHE A 1 19 ? -0.611  1.530   -0.268  1.00 29.49 ? 19   PHE A CE1 1 
ATOM   94  C CE2 . PHE A 1 19 ? -2.601  0.404   0.328   1.00 27.80 ? 19   PHE A CE2 1 
ATOM   95  C CZ  . PHE A 1 19 ? -1.329  0.379   -0.194  1.00 29.19 ? 19   PHE A CZ  1 
ATOM   96  N N   . GLU A 1 20 ? -5.631  3.745   -0.159  1.00 26.89 ? 20   GLU A N   1 
ATOM   97  C CA  . GLU A 1 20 ? -6.593  3.069   -1.026  1.00 27.58 ? 20   GLU A CA  1 
ATOM   98  C C   . GLU A 1 20 ? -7.089  3.871   -2.216  1.00 27.93 ? 20   GLU A C   1 
ATOM   99  O O   . GLU A 1 20 ? -7.266  3.328   -3.302  1.00 27.65 ? 20   GLU A O   1 
ATOM   100 C CB  . GLU A 1 20 ? -7.796  2.582   -0.229  1.00 26.80 ? 20   GLU A CB  1 
ATOM   101 C CG  . GLU A 1 20 ? -7.389  1.624   0.815   1.00 26.29 ? 20   GLU A CG  1 
ATOM   102 C CD  . GLU A 1 20 ? -7.195  0.215   0.302   1.00 30.52 ? 20   GLU A CD  1 
ATOM   103 O OE1 . GLU A 1 20 ? -7.549  -0.090  -0.852  1.00 24.90 ? 20   GLU A OE1 1 
ATOM   104 O OE2 . GLU A 1 20 ? -6.685  -0.590  1.092   1.00 31.09 ? 20   GLU A OE2 1 
ATOM   105 N N   . ARG A 1 21 ? -7.303  5.167   -2.006  1.00 27.49 ? 21   ARG A N   1 
ATOM   106 C CA  . ARG A 1 21 ? -7.640  6.044   -3.121  1.00 27.49 ? 21   ARG A CA  1 
ATOM   107 C C   . ARG A 1 21 ? -6.460  6.105   -4.103  1.00 27.52 ? 21   ARG A C   1 
ATOM   108 O O   . ARG A 1 21 ? -6.698  6.065   -5.324  1.00 26.69 ? 21   ARG A O   1 
ATOM   109 C CB  . ARG A 1 21 ? -8.104  7.403   -2.678  1.00 26.68 ? 21   ARG A CB  1 
ATOM   110 C CG  . ARG A 1 21 ? -9.420  7.326   -1.983  1.00 27.34 ? 21   ARG A CG  1 
ATOM   111 C CD  . ARG A 1 21 ? -10.005 8.659   -1.738  1.00 26.53 ? 21   ARG A CD  1 
ATOM   112 N NE  . ARG A 1 21 ? -9.272  9.381   -0.762  1.00 29.47 ? 21   ARG A NE  1 
ATOM   113 C CZ  . ARG A 1 21 ? -9.556  9.460   0.556   1.00 29.12 ? 21   ARG A CZ  1 
ATOM   114 N NH1 . ARG A 1 21 ? -10.543 8.823   1.106   1.00 25.49 ? 21   ARG A NH1 1 
ATOM   115 N NH2 . ARG A 1 21 ? -8.759  10.157  1.367   1.00 28.18 ? 21   ARG A NH2 1 
ATOM   116 N N   . ALA A 1 22 ? -5.205  6.136   -3.560  1.00 27.57 ? 22   ALA A N   1 
ATOM   117 C CA  . ALA A 1 22 ? -4.050  6.273   -4.408  1.00 26.37 ? 22   ALA A CA  1 
ATOM   118 C C   . ALA A 1 22 ? -3.886  5.031   -5.330  1.00 25.81 ? 22   ALA A C   1 
ATOM   119 O O   . ALA A 1 22 ? -3.508  5.207   -6.495  1.00 26.18 ? 22   ALA A O   1 
ATOM   120 C CB  . ALA A 1 22 ? -2.736  6.603   -3.601  1.00 24.24 ? 22   ALA A CB  1 
ATOM   121 N N   . LEU A 1 23 ? -4.240  3.828   -4.856  1.00 27.17 ? 23   LEU A N   1 
ATOM   122 C CA  . LEU A 1 23 ? -4.147  2.603   -5.641  1.00 26.59 ? 23   LEU A CA  1 
ATOM   123 C C   . LEU A 1 23 ? -5.105  2.628   -6.822  1.00 26.16 ? 23   LEU A C   1 
ATOM   124 O O   . LEU A 1 23 ? -4.907  1.942   -7.792  1.00 26.51 ? 23   LEU A O   1 
ATOM   125 C CB  . LEU A 1 23 ? -4.479  1.331   -4.817  1.00 26.18 ? 23   LEU A CB  1 
ATOM   126 C CG  . LEU A 1 23 ? -3.555  0.952   -3.663  1.00 27.73 ? 23   LEU A CG  1 
ATOM   127 C CD1 . LEU A 1 23 ? -4.020  -0.362  -3.001  1.00 25.30 ? 23   LEU A CD1 1 
ATOM   128 C CD2 . LEU A 1 23 ? -2.026  0.938   -4.132  1.00 22.36 ? 23   LEU A CD2 1 
ATOM   129 N N   . ALA A 1 24 ? -6.173  3.392   -6.708  1.00 27.19 ? 24   ALA A N   1 
ATOM   130 C CA  . ALA A 1 24 ? -7.183  3.513   -7.694  1.00 26.27 ? 24   ALA A CA  1 
ATOM   131 C C   . ALA A 1 24 ? -6.735  4.486   -8.782  1.00 26.72 ? 24   ALA A C   1 
ATOM   132 O O   . ALA A 1 24 ? -6.929  4.259   -9.973  1.00 26.03 ? 24   ALA A O   1 
ATOM   133 C CB  . ALA A 1 24 ? -8.464  4.016   -7.057  1.00 27.57 ? 24   ALA A CB  1 
ATOM   134 N N   . VAL A 1 25 ? -6.174  5.611   -8.366  1.00 27.61 ? 25   VAL A N   1 
ATOM   135 C CA  . VAL A 1 25 ? -5.668  6.659   -9.273  1.00 26.96 ? 25   VAL A CA  1 
ATOM   136 C C   . VAL A 1 25 ? -4.400  6.175   -10.033 1.00 27.16 ? 25   VAL A C   1 
ATOM   137 O O   . VAL A 1 25 ? -4.238  6.404   -11.188 1.00 26.98 ? 25   VAL A O   1 
ATOM   138 C CB  . VAL A 1 25 ? -5.374  7.966   -8.391  1.00 27.31 ? 25   VAL A CB  1 
ATOM   139 C CG1 . VAL A 1 25 ? -4.631  9.049   -9.187  1.00 29.15 ? 25   VAL A CG1 1 
ATOM   140 C CG2 . VAL A 1 25 ? -6.671  8.577   -7.862  1.00 27.88 ? 25   VAL A CG2 1 
ATOM   141 N N   . TYR A 1 26 ? -3.503  5.474   -9.375  1.00 28.04 ? 26   TYR A N   1 
ATOM   142 C CA  . TYR A 1 26 ? -2.287  4.986   -9.976  1.00 27.81 ? 26   TYR A CA  1 
ATOM   143 C C   . TYR A 1 26 ? -2.421  3.470   -10.068 1.00 28.32 ? 26   TYR A C   1 
ATOM   144 O O   . TYR A 1 26 ? -2.144  2.791   -9.147  1.00 29.09 ? 26   TYR A O   1 
ATOM   145 C CB  . TYR A 1 26 ? -1.102  5.418   -9.098  1.00 28.28 ? 26   TYR A CB  1 
ATOM   146 C CG  . TYR A 1 26 ? -1.023  6.907   -8.988  1.00 27.33 ? 26   TYR A CG  1 
ATOM   147 C CD1 . TYR A 1 26 ? -0.931  7.679   -10.122 1.00 26.98 ? 26   TYR A CD1 1 
ATOM   148 C CD2 . TYR A 1 26 ? -1.099  7.568   -7.756  1.00 28.13 ? 26   TYR A CD2 1 
ATOM   149 C CE1 . TYR A 1 26 ? -0.868  9.063   -10.043 1.00 26.44 ? 26   TYR A CE1 1 
ATOM   150 C CE2 . TYR A 1 26 ? -1.047  8.938   -7.664  1.00 30.63 ? 26   TYR A CE2 1 
ATOM   151 C CZ  . TYR A 1 26 ? -0.955  9.699   -8.825  1.00 27.53 ? 26   TYR A CZ  1 
ATOM   152 O OH  . TYR A 1 26 ? -0.913  11.087  -8.829  1.00 31.26 ? 26   TYR A OH  1 
ATOM   153 N N   . ASP A 1 27 ? -2.846  2.964   -11.193 1.00 29.32 ? 27   ASP A N   1 
ATOM   154 C CA  . ASP A 1 27 ? -3.031  1.496   -11.360 1.00 30.26 ? 27   ASP A CA  1 
ATOM   155 C C   . ASP A 1 27 ? -1.729  0.674   -11.439 1.00 30.07 ? 27   ASP A C   1 
ATOM   156 O O   . ASP A 1 27 ? -0.610  1.227   -11.434 1.00 28.09 ? 27   ASP A O   1 
ATOM   157 C CB  . ASP A 1 27 ? -4.034  1.183   -12.481 1.00 30.15 ? 27   ASP A CB  1 
ATOM   158 C CG  . ASP A 1 27 ? -3.452  1.198   -13.852 1.00 32.07 ? 27   ASP A CG  1 
ATOM   159 O OD1 . ASP A 1 27 ? -2.235  1.397   -14.109 1.00 35.80 ? 27   ASP A OD1 1 
ATOM   160 O OD2 . ASP A 1 27 ? -4.289  1.008   -14.732 1.00 35.20 ? 27   ASP A OD2 1 
ATOM   161 N N   . LYS A 1 28 ? -1.895  -0.651  -11.458 1.00 31.12 ? 28   LYS A N   1 
ATOM   162 C CA  . LYS A 1 28 ? -0.774  -1.585  -11.344 1.00 31.74 ? 28   LYS A CA  1 
ATOM   163 C C   . LYS A 1 28 ? 0.213   -1.428  -12.483 1.00 33.03 ? 28   LYS A C   1 
ATOM   164 O O   . LYS A 1 28 ? 1.372   -1.881  -12.373 1.00 33.90 ? 28   LYS A O   1 
ATOM   165 C CB  . LYS A 1 28 ? -1.283  -3.043  -11.234 1.00 31.78 ? 28   LYS A CB  1 
ATOM   166 C CG  . LYS A 1 28 ? -1.917  -3.603  -12.510 1.00 32.76 ? 28   LYS A CG  1 
ATOM   167 C CD  . LYS A 1 28 ? -2.078  -5.135  -12.485 1.00 31.92 ? 28   LYS A CD  1 
ATOM   168 N N   . ASP A 1 29 ? -0.242  -0.803  -13.581 1.00 33.90 ? 29   ASP A N   1 
ATOM   169 C CA  . ASP A 1 29 ? 0.613   -0.541  -14.758 1.00 34.74 ? 29   ASP A CA  1 
ATOM   170 C C   . ASP A 1 29 ? 1.449   0.738   -14.637 1.00 34.49 ? 29   ASP A C   1 
ATOM   171 O O   . ASP A 1 29 ? 2.461   0.854   -15.319 1.00 34.67 ? 29   ASP A O   1 
ATOM   172 C CB  . ASP A 1 29 ? -0.204  -0.485  -16.083 1.00 35.26 ? 29   ASP A CB  1 
ATOM   173 C CG  . ASP A 1 29 ? -0.922  -1.798  -16.411 1.00 36.56 ? 29   ASP A CG  1 
ATOM   174 O OD1 . ASP A 1 29 ? -0.257  -2.867  -16.440 1.00 37.24 ? 29   ASP A OD1 1 
ATOM   175 O OD2 . ASP A 1 29 ? -2.157  -1.743  -16.667 1.00 37.96 ? 29   ASP A OD2 1 
ATOM   176 N N   . THR A 1 30 ? 1.019   1.680   -13.792 1.00 34.65 ? 30   THR A N   1 
ATOM   177 C CA  . THR A 1 30 ? 1.717   2.947   -13.568 1.00 34.29 ? 30   THR A CA  1 
ATOM   178 C C   . THR A 1 30 ? 3.188   2.692   -13.323 1.00 34.10 ? 30   THR A C   1 
ATOM   179 O O   . THR A 1 30 ? 3.525   1.905   -12.432 1.00 34.29 ? 30   THR A O   1 
ATOM   180 C CB  . THR A 1 30 ? 1.162   3.687   -12.330 1.00 34.54 ? 30   THR A CB  1 
ATOM   181 O OG1 . THR A 1 30 ? -0.268  3.646   -12.353 1.00 35.94 ? 30   THR A OG1 1 
ATOM   182 C CG2 . THR A 1 30 ? 1.683   5.174   -12.219 1.00 34.57 ? 30   THR A CG2 1 
ATOM   183 N N   . PRO A 1 31 ? 4.084   3.330   -14.133 1.00 33.10 ? 31   PRO A N   1 
ATOM   184 C CA  . PRO A 1 31 ? 5.516   3.194   -13.820 1.00 31.76 ? 31   PRO A CA  1 
ATOM   185 C C   . PRO A 1 31 ? 5.808   4.127   -12.643 1.00 30.59 ? 31   PRO A C   1 
ATOM   186 O O   . PRO A 1 31 ? 5.103   5.137   -12.472 1.00 31.28 ? 31   PRO A O   1 
ATOM   187 C CB  . PRO A 1 31 ? 6.206   3.620   -15.101 1.00 31.36 ? 31   PRO A CB  1 
ATOM   188 C CG  . PRO A 1 31 ? 5.229   4.477   -15.832 1.00 32.35 ? 31   PRO A CG  1 
ATOM   189 C CD  . PRO A 1 31 ? 3.843   4.183   -15.315 1.00 33.10 ? 31   PRO A CD  1 
ATOM   190 N N   . ASP A 1 32 ? 6.778   3.754   -11.810 1.00 29.16 ? 32   ASP A N   1 
ATOM   191 C CA  . ASP A 1 32 ? 7.070   4.502   -10.591 1.00 29.61 ? 32   ASP A CA  1 
ATOM   192 C C   . ASP A 1 32 ? 5.797   4.596   -9.741  1.00 27.58 ? 32   ASP A C   1 
ATOM   193 O O   . ASP A 1 32 ? 5.445   5.628   -9.260  1.00 26.49 ? 32   ASP A O   1 
ATOM   194 C CB  . ASP A 1 32 ? 7.613   5.895   -10.933 1.00 29.51 ? 32   ASP A CB  1 
ATOM   195 C CG  . ASP A 1 32 ? 8.809   5.818   -11.851 1.00 33.14 ? 32   ASP A CG  1 
ATOM   196 O OD1 . ASP A 1 32 ? 9.728   5.018   -11.509 1.00 34.16 ? 32   ASP A OD1 1 
ATOM   197 O OD2 . ASP A 1 32 ? 8.840   6.543   -12.887 1.00 37.60 ? 32   ASP A OD2 1 
ATOM   198 N N   . ARG A 1 33 ? 5.120   3.479   -9.591  1.00 27.62 ? 33   ARG A N   1 
ATOM   199 C CA  . ARG A 1 33 ? 3.841   3.443   -8.914  1.00 27.15 ? 33   ARG A CA  1 
ATOM   200 C C   . ARG A 1 33 ? 3.964   3.887   -7.493  1.00 27.05 ? 33   ARG A C   1 
ATOM   201 O O   . ARG A 1 33 ? 3.205   4.744   -7.021  1.00 26.92 ? 33   ARG A O   1 
ATOM   202 C CB  . ARG A 1 33 ? 3.225   2.030   -8.996  1.00 27.58 ? 33   ARG A CB  1 
ATOM   203 C CG  . ARG A 1 33 ? 1.788   2.032   -8.557  1.00 25.77 ? 33   ARG A CG  1 
ATOM   204 C CD  . ARG A 1 33 ? 1.140   0.656   -8.407  1.00 26.35 ? 33   ARG A CD  1 
ATOM   205 N NE  . ARG A 1 33 ? -0.313  0.776   -8.248  1.00 25.90 ? 33   ARG A NE  1 
ATOM   206 C CZ  . ARG A 1 33 ? -1.122  -0.227  -7.888  1.00 25.92 ? 33   ARG A CZ  1 
ATOM   207 N NH1 . ARG A 1 33 ? -0.663  -1.458  -7.649  1.00 26.80 ? 33   ARG A NH1 1 
ATOM   208 N NH2 . ARG A 1 33 ? -2.399  -0.029  -7.818  1.00 25.60 ? 33   ARG A NH2 1 
ATOM   209 N N   . TRP A 1 34 ? 4.932   3.362   -6.778  1.00 26.92 ? 34   TRP A N   1 
ATOM   210 C CA  . TRP A 1 34 ? 5.032   3.729   -5.332  1.00 29.25 ? 34   TRP A CA  1 
ATOM   211 C C   . TRP A 1 34 ? 5.413   5.191   -5.022  1.00 28.97 ? 34   TRP A C   1 
ATOM   212 O O   . TRP A 1 34 ? 4.994   5.748   -3.999  1.00 28.52 ? 34   TRP A O   1 
ATOM   213 C CB  . TRP A 1 34 ? 5.859   2.693   -4.529  1.00 29.35 ? 34   TRP A CB  1 
ATOM   214 C CG  . TRP A 1 34 ? 5.374   1.302   -4.866  1.00 30.25 ? 34   TRP A CG  1 
ATOM   215 C CD1 . TRP A 1 34 ? 6.112   0.281   -5.371  1.00 28.88 ? 34   TRP A CD1 1 
ATOM   216 C CD2 . TRP A 1 34 ? 4.012   0.820   -4.814  1.00 27.90 ? 34   TRP A CD2 1 
ATOM   217 N NE1 . TRP A 1 34 ? 5.303   -0.808  -5.613  1.00 30.10 ? 34   TRP A NE1 1 
ATOM   218 C CE2 . TRP A 1 34 ? 4.014   -0.486  -5.306  1.00 26.55 ? 34   TRP A CE2 1 
ATOM   219 C CE3 . TRP A 1 34 ? 2.791   1.399   -4.456  1.00 30.89 ? 34   TRP A CE3 1 
ATOM   220 C CZ2 . TRP A 1 34 ? 2.854   -1.262  -5.391  1.00 30.28 ? 34   TRP A CZ2 1 
ATOM   221 C CZ3 . TRP A 1 34 ? 1.648   0.630   -4.553  1.00 30.75 ? 34   TRP A CZ3 1 
ATOM   222 C CH2 . TRP A 1 34 ? 1.693   -0.681  -5.003  1.00 29.37 ? 34   TRP A CH2 1 
ATOM   223 N N   . ALA A 1 35 ? 6.169   5.787   -5.930  1.00 29.19 ? 35   ALA A N   1 
ATOM   224 C CA  . ALA A 1 35 ? 6.609   7.149   -5.833  1.00 28.62 ? 35   ALA A CA  1 
ATOM   225 C C   . ALA A 1 35 ? 5.404   8.067   -6.072  1.00 28.96 ? 35   ALA A C   1 
ATOM   226 O O   . ALA A 1 35 ? 5.317   9.138   -5.489  1.00 27.58 ? 35   ALA A O   1 
ATOM   227 C CB  . ALA A 1 35 ? 7.707   7.412   -6.841  1.00 28.90 ? 35   ALA A CB  1 
ATOM   228 N N   . ASN A 1 36 ? 4.511   7.675   -6.971  1.00 28.69 ? 36   ASN A N   1 
ATOM   229 C CA  . ASN A 1 36 ? 3.308   8.497   -7.267  1.00 29.96 ? 36   ASN A CA  1 
ATOM   230 C C   . ASN A 1 36 ? 2.319   8.416   -6.118  1.00 30.75 ? 36   ASN A C   1 
ATOM   231 O O   . ASN A 1 36 ? 1.751   9.425   -5.707  1.00 31.70 ? 36   ASN A O   1 
ATOM   232 C CB  . ASN A 1 36 ? 2.611   8.045   -8.550  1.00 30.16 ? 36   ASN A CB  1 
ATOM   233 C CG  . ASN A 1 36 ? 3.242   8.585   -9.799  1.00 31.66 ? 36   ASN A CG  1 
ATOM   234 O OD1 . ASN A 1 36 ? 3.277   9.814   -10.031 1.00 29.26 ? 36   ASN A OD1 1 
ATOM   235 N ND2 . ASN A 1 36 ? 3.787   7.679   -10.628 1.00 28.42 ? 36   ASN A ND2 1 
ATOM   236 N N   . VAL A 1 37 ? 2.175   7.202   -5.579  1.00 31.58 ? 37   VAL A N   1 
ATOM   237 C CA  . VAL A 1 37 ? 1.327   6.949   -4.447  1.00 30.62 ? 37   VAL A CA  1 
ATOM   238 C C   . VAL A 1 37 ? 1.875   7.700   -3.243  1.00 29.91 ? 37   VAL A C   1 
ATOM   239 O O   . VAL A 1 37 ? 1.123   8.401   -2.611  1.00 28.95 ? 37   VAL A O   1 
ATOM   240 C CB  . VAL A 1 37 ? 1.128   5.468   -4.142  1.00 30.39 ? 37   VAL A CB  1 
ATOM   241 C CG1 . VAL A 1 37 ? 0.365   5.282   -2.751  1.00 30.63 ? 37   VAL A CG1 1 
ATOM   242 C CG2 . VAL A 1 37 ? 0.340   4.765   -5.261  1.00 27.41 ? 37   VAL A CG2 1 
ATOM   243 N N   . ALA A 1 38 ? 3.172   7.537   -2.930  1.00 28.13 ? 38   ALA A N   1 
ATOM   244 C CA  . ALA A 1 38 ? 3.750   8.224   -1.777  1.00 27.01 ? 38   ALA A CA  1 
ATOM   245 C C   . ALA A 1 38 ? 3.699   9.739   -1.902  1.00 26.23 ? 38   ALA A C   1 
ATOM   246 O O   . ALA A 1 38 ? 3.530   10.396  -0.885  1.00 27.43 ? 38   ALA A O   1 
ATOM   247 C CB  . ALA A 1 38 ? 5.148   7.769   -1.521  1.00 24.66 ? 38   ALA A CB  1 
ATOM   248 N N   . ARG A 1 39 ? 3.819   10.305  -3.105  1.00 26.26 ? 39   ARG A N   1 
ATOM   249 C CA  . ARG A 1 39 ? 3.727   11.748  -3.269  1.00 27.86 ? 39   ARG A CA  1 
ATOM   250 C C   . ARG A 1 39 ? 2.372   12.240  -2.768  1.00 29.28 ? 39   ARG A C   1 
ATOM   251 O O   . ARG A 1 39 ? 2.311   13.276  -2.138  1.00 28.08 ? 39   ARG A O   1 
ATOM   252 C CB  . ARG A 1 39 ? 3.965   12.217  -4.704  1.00 28.50 ? 39   ARG A CB  1 
ATOM   253 C CG  . ARG A 1 39 ? 3.701   13.731  -4.890  1.00 27.05 ? 39   ARG A CG  1 
ATOM   254 C CD  . ARG A 1 39 ? 4.144   14.204  -6.173  1.00 26.60 ? 39   ARG A CD  1 
ATOM   255 N NE  . ARG A 1 39 ? 3.580   13.477  -7.293  1.00 24.60 ? 39   ARG A NE  1 
ATOM   256 C CZ  . ARG A 1 39 ? 4.018   13.717  -8.520  1.00 24.34 ? 39   ARG A CZ  1 
ATOM   257 N NH1 . ARG A 1 39 ? 4.910   14.634  -8.742  1.00 22.25 ? 39   ARG A NH1 1 
ATOM   258 N NH2 . ARG A 1 39 ? 3.537   13.061  -9.525  1.00 21.50 ? 39   ARG A NH2 1 
ATOM   259 N N   . ALA A 1 40 ? 1.298   11.485  -3.082  1.00 27.85 ? 40   ALA A N   1 
ATOM   260 C CA  . ALA A 1 40 ? -0.049  11.851  -2.677  1.00 29.94 ? 40   ALA A CA  1 
ATOM   261 C C   . ALA A 1 40 ? -0.341  11.572  -1.216  1.00 31.44 ? 40   ALA A C   1 
ATOM   262 O O   . ALA A 1 40 ? -1.233  12.228  -0.640  1.00 33.33 ? 40   ALA A O   1 
ATOM   263 C CB  . ALA A 1 40 ? -1.039  11.137  -3.505  1.00 29.46 ? 40   ALA A CB  1 
ATOM   264 N N   . VAL A 1 41 ? 0.397   10.621  -0.609  1.00 31.73 ? 41   VAL A N   1 
ATOM   265 C CA  . VAL A 1 41 ? 0.221   10.261  0.811   1.00 31.23 ? 41   VAL A CA  1 
ATOM   266 C C   . VAL A 1 41 ? 1.204   10.988  1.719   1.00 32.38 ? 41   VAL A C   1 
ATOM   267 O O   . VAL A 1 41 ? 2.317   10.550  1.968   1.00 34.27 ? 41   VAL A O   1 
ATOM   268 C CB  . VAL A 1 41 ? 0.286   8.731   1.003   1.00 29.97 ? 41   VAL A CB  1 
ATOM   269 C CG1 . VAL A 1 41 ? 0.062   8.368   2.465   1.00 28.61 ? 41   VAL A CG1 1 
ATOM   270 C CG2 . VAL A 1 41 ? -0.720  8.068   0.061   1.00 28.73 ? 41   VAL A CG2 1 
ATOM   271 N N   . GLU A 1 42 ? 0.759   12.078  2.314   1.00 32.61 ? 42   GLU A N   1 
ATOM   272 C CA  . GLU A 1 42 ? 1.678   12.900  3.070   1.00 33.51 ? 42   GLU A CA  1 
ATOM   273 C C   . GLU A 1 42 ? 2.461   12.182  4.168   1.00 33.03 ? 42   GLU A C   1 
ATOM   274 O O   . GLU A 1 42 ? 1.882   11.576  5.064   1.00 32.14 ? 42   GLU A O   1 
ATOM   275 C CB  . GLU A 1 42 ? 0.976   14.136  3.651   1.00 34.27 ? 42   GLU A CB  1 
ATOM   276 C CG  . GLU A 1 42 ? 1.742   15.440  3.363   1.00 37.20 ? 42   GLU A CG  1 
ATOM   277 C CD  . GLU A 1 42 ? 1.804   15.773  1.853   1.00 40.52 ? 42   GLU A CD  1 
ATOM   278 O OE1 . GLU A 1 42 ? 1.672   14.848  0.993   1.00 43.94 ? 42   GLU A OE1 1 
ATOM   279 O OE2 . GLU A 1 42 ? 1.970   16.962  1.527   1.00 39.30 ? 42   GLU A OE2 1 
ATOM   280 N N   . GLY A 1 43 ? 3.792   12.296  4.073   1.00 32.48 ? 43   GLY A N   1 
ATOM   281 C CA  . GLY A 1 43 ? 4.720   11.823  5.093   1.00 32.49 ? 43   GLY A CA  1 
ATOM   282 C C   . GLY A 1 43 ? 4.863   10.321  5.048   1.00 32.06 ? 43   GLY A C   1 
ATOM   283 O O   . GLY A 1 43 ? 4.835   9.657   6.073   1.00 33.11 ? 43   GLY A O   1 
ATOM   284 N N   . ARG A 1 44 ? 4.984   9.778   3.842   1.00 30.73 ? 44   ARG A N   1 
ATOM   285 C CA  . ARG A 1 44 ? 5.175   8.359   3.649   1.00 29.36 ? 44   ARG A CA  1 
ATOM   286 C C   . ARG A 1 44 ? 5.988   8.304   2.402   1.00 28.79 ? 44   ARG A C   1 
ATOM   287 O O   . ARG A 1 44 ? 5.663   8.991   1.429   1.00 29.30 ? 44   ARG A O   1 
ATOM   288 C CB  . ARG A 1 44 ? 3.854   7.548   3.480   1.00 29.15 ? 44   ARG A CB  1 
ATOM   289 C CG  . ARG A 1 44 ? 2.988   7.367   4.735   1.00 27.36 ? 44   ARG A CG  1 
ATOM   290 C CD  . ARG A 1 44 ? 3.620   6.482   5.767   1.00 27.11 ? 44   ARG A CD  1 
ATOM   291 N NE  . ARG A 1 44 ? 2.840   6.510   6.987   1.00 30.00 ? 44   ARG A NE  1 
ATOM   292 C CZ  . ARG A 1 44 ? 3.123   5.822   8.085   1.00 30.67 ? 44   ARG A CZ  1 
ATOM   293 N NH1 . ARG A 1 44 ? 4.164   5.000   8.100   1.00 32.15 ? 44   ARG A NH1 1 
ATOM   294 N NH2 . ARG A 1 44 ? 2.340   5.938   9.146   1.00 27.95 ? 44   ARG A NH2 1 
ATOM   295 N N   . THR A 1 45 ? 7.082   7.555   2.472   1.00 28.52 ? 45   THR A N   1 
ATOM   296 C CA  . THR A 1 45 ? 8.106   7.458   1.454   1.00 27.87 ? 45   THR A CA  1 
ATOM   297 C C   . THR A 1 45 ? 7.692   6.340   0.548   1.00 28.22 ? 45   THR A C   1 
ATOM   298 O O   . THR A 1 45 ? 6.861   5.527   0.962   1.00 27.01 ? 45   THR A O   1 
ATOM   299 C CB  . THR A 1 45 ? 9.481   7.051   2.048   1.00 27.90 ? 45   THR A CB  1 
ATOM   300 O OG1 . THR A 1 45 ? 9.412   5.678   2.481   1.00 24.57 ? 45   THR A OG1 1 
ATOM   301 C CG2 . THR A 1 45 ? 9.943   7.973   3.207   1.00 25.91 ? 45   THR A CG2 1 
ATOM   302 N N   . PRO A 1 46 ? 8.241   6.292   -0.697  1.00 27.72 ? 46   PRO A N   1 
ATOM   303 C CA  . PRO A 1 46 ? 7.936   5.226   -1.664  1.00 28.31 ? 46   PRO A CA  1 
ATOM   304 C C   . PRO A 1 46 ? 8.104   3.805   -1.118  1.00 27.99 ? 46   PRO A C   1 
ATOM   305 O O   . PRO A 1 46 ? 7.353   2.903   -1.457  1.00 30.91 ? 46   PRO A O   1 
ATOM   306 C CB  . PRO A 1 46 ? 8.949   5.507   -2.801  1.00 27.47 ? 46   PRO A CB  1 
ATOM   307 C CG  . PRO A 1 46 ? 9.108   6.942   -2.777  1.00 26.81 ? 46   PRO A CG  1 
ATOM   308 C CD  . PRO A 1 46 ? 9.139   7.283   -1.314  1.00 28.54 ? 46   PRO A CD  1 
ATOM   309 N N   . GLU A 1 47 ? 9.102   3.599   -0.294  1.00 29.02 ? 47   GLU A N   1 
ATOM   310 C CA  . GLU A 1 47 ? 9.400   2.275   0.169   1.00 29.22 ? 47   GLU A CA  1 
ATOM   311 C C   . GLU A 1 47 ? 8.405   1.934   1.281   1.00 28.75 ? 47   GLU A C   1 
ATOM   312 O O   . GLU A 1 47 ? 7.966   0.786   1.390   1.00 29.47 ? 47   GLU A O   1 
ATOM   313 C CB  . GLU A 1 47 ? 10.876  2.170   0.616   1.00 29.88 ? 47   GLU A CB  1 
ATOM   314 C CG  . GLU A 1 47 ? 11.957  2.327   -0.567  1.00 32.19 ? 47   GLU A CG  1 
ATOM   315 C CD  . GLU A 1 47 ? 12.272  3.811   -1.034  1.00 34.59 ? 47   GLU A CD  1 
ATOM   316 O OE1 . GLU A 1 47 ? 11.712  4.834   -0.516  1.00 33.46 ? 47   GLU A OE1 1 
ATOM   317 O OE2 . GLU A 1 47 ? 13.121  3.952   -1.959  1.00 37.73 ? 47   GLU A OE2 1 
ATOM   318 N N   . GLU A 1 48 ? 8.030   2.925   2.083   1.00 27.64 ? 48   GLU A N   1 
ATOM   319 C CA  . GLU A 1 48 ? 7.011   2.750   3.120   1.00 28.05 ? 48   GLU A CA  1 
ATOM   320 C C   . GLU A 1 48 ? 5.663   2.386   2.499   1.00 27.83 ? 48   GLU A C   1 
ATOM   321 O O   . GLU A 1 48 ? 4.898   1.540   3.014   1.00 28.56 ? 48   GLU A O   1 
ATOM   322 C CB  . GLU A 1 48 ? 6.822   4.054   3.927   1.00 28.41 ? 48   GLU A CB  1 
ATOM   323 C CG  . GLU A 1 48 ? 7.625   4.207   5.154   1.00 27.24 ? 48   GLU A CG  1 
ATOM   324 C CD  . GLU A 1 48 ? 7.236   5.444   5.929   1.00 27.59 ? 48   GLU A CD  1 
ATOM   325 O OE1 . GLU A 1 48 ? 7.311   6.533   5.337   1.00 29.65 ? 48   GLU A OE1 1 
ATOM   326 O OE2 . GLU A 1 48 ? 6.899   5.336   7.133   1.00 30.22 ? 48   GLU A OE2 1 
ATOM   327 N N   . VAL A 1 49 ? 5.365   3.011   1.369   1.00 27.66 ? 49   VAL A N   1 
ATOM   328 C CA  . VAL A 1 49 ? 4.106   2.738   0.639   1.00 28.23 ? 49   VAL A CA  1 
ATOM   329 C C   . VAL A 1 49 ? 4.135   1.315   -0.013  1.00 28.72 ? 49   VAL A C   1 
ATOM   330 O O   . VAL A 1 49 ? 3.145   0.612   -0.084  1.00 26.73 ? 49   VAL A O   1 
ATOM   331 C CB  . VAL A 1 49 ? 3.893   3.882   -0.410  1.00 29.87 ? 49   VAL A CB  1 
ATOM   332 C CG1 . VAL A 1 49 ? 3.294   3.386   -1.702  1.00 31.48 ? 49   VAL A CG1 1 
ATOM   333 C CG2 . VAL A 1 49 ? 3.110   5.019   0.225   1.00 29.99 ? 49   VAL A CG2 1 
ATOM   334 N N   . LYS A 1 50 ? 5.305   0.904   -0.462  1.00 28.38 ? 50   LYS A N   1 
ATOM   335 C CA  . LYS A 1 50 ? 5.503   -0.404  -1.105  1.00 28.86 ? 50   LYS A CA  1 
ATOM   336 C C   . LYS A 1 50 ? 5.331   -1.535  -0.098  1.00 28.59 ? 50   LYS A C   1 
ATOM   337 O O   . LYS A 1 50 ? 4.608   -2.493  -0.371  1.00 27.77 ? 50   LYS A O   1 
ATOM   338 C CB  . LYS A 1 50 ? 6.888   -0.453  -1.741  1.00 28.90 ? 50   LYS A CB  1 
ATOM   339 C CG  . LYS A 1 50 ? 7.269   -1.813  -2.331  1.00 29.90 ? 50   LYS A CG  1 
ATOM   340 C CD  . LYS A 1 50 ? 8.644   -1.694  -2.945  1.00 31.35 ? 50   LYS A CD  1 
ATOM   341 C CE  . LYS A 1 50 ? 9.310   -3.036  -3.139  1.00 34.11 ? 50   LYS A CE  1 
ATOM   342 N NZ  . LYS A 1 50 ? 8.926   -3.703  -4.416  1.00 34.43 ? 50   LYS A NZ  1 
ATOM   343 N N   . LYS A 1 51 ? 5.973   -1.391  1.069   1.00 28.29 ? 51   LYS A N   1 
ATOM   344 C CA  . LYS A 1 51 ? 5.752   -2.277  2.230   1.00 28.55 ? 51   LYS A CA  1 
ATOM   345 C C   . LYS A 1 51 ? 4.272   -2.387  2.684   1.00 28.17 ? 51   LYS A C   1 
ATOM   346 O O   . LYS A 1 51 ? 3.859   -3.422  3.156   1.00 25.99 ? 51   LYS A O   1 
ATOM   347 C CB  . LYS A 1 51 ? 6.577   -1.773  3.410   1.00 28.88 ? 51   LYS A CB  1 
ATOM   348 C CG  . LYS A 1 51 ? 6.313   -2.536  4.723   1.00 30.80 ? 51   LYS A CG  1 
ATOM   349 C CD  . LYS A 1 51 ? 7.251   -2.086  5.862   1.00 32.32 ? 51   LYS A CD  1 
ATOM   350 C CE  . LYS A 1 51 ? 6.725   -2.509  7.275   1.00 34.21 ? 51   LYS A CE  1 
ATOM   351 N NZ  . LYS A 1 51 ? 7.406   -1.794  8.474   1.00 35.35 ? 51   LYS A NZ  1 
ATOM   352 N N   . HIS A 1 52 ? 3.512   -1.308  2.582   1.00 27.09 ? 52   HIS A N   1 
ATOM   353 C CA  . HIS A 1 52 ? 2.092   -1.320  2.992   1.00 28.34 ? 52   HIS A CA  1 
ATOM   354 C C   . HIS A 1 52 ? 1.250   -2.175  2.042   1.00 29.16 ? 52   HIS A C   1 
ATOM   355 O O   . HIS A 1 52 ? 0.312   -2.883  2.456   1.00 29.58 ? 52   HIS A O   1 
ATOM   356 C CB  . HIS A 1 52 ? 1.550   0.086   3.085   1.00 27.99 ? 52   HIS A CB  1 
ATOM   357 C CG  . HIS A 1 52 ? 0.354   0.240   3.988   1.00 27.31 ? 52   HIS A CG  1 
ATOM   358 N ND1 . HIS A 1 52 ? 0.383   -0.081  5.326   1.00 24.57 ? 52   HIS A ND1 1 
ATOM   359 C CD2 . HIS A 1 52 ? -0.896  0.669   3.735   1.00 22.42 ? 52   HIS A CD2 1 
ATOM   360 C CE1 . HIS A 1 52 ? -0.795  0.168   5.863   1.00 26.11 ? 52   HIS A CE1 1 
ATOM   361 N NE2 . HIS A 1 52 ? -1.592  0.631   4.916   1.00 28.21 ? 52   HIS A NE2 1 
ATOM   362 N N   . TYR A 1 53 ? 1.578   -2.052  0.762   1.00 31.11 ? 53   TYR A N   1 
ATOM   363 C CA  . TYR A 1 53 ? 0.983   -2.842  -0.292  1.00 30.90 ? 53   TYR A CA  1 
ATOM   364 C C   . TYR A 1 53 ? 1.297   -4.309  -0.086  1.00 30.67 ? 53   TYR A C   1 
ATOM   365 O O   . TYR A 1 53 ? 0.398   -5.108  -0.206  1.00 29.91 ? 53   TYR A O   1 
ATOM   366 C CB  . TYR A 1 53 ? 1.473   -2.373  -1.649  1.00 31.03 ? 53   TYR A CB  1 
ATOM   367 C CG  . TYR A 1 53 ? 0.796   -3.049  -2.807  1.00 31.79 ? 53   TYR A CG  1 
ATOM   368 C CD1 . TYR A 1 53 ? -0.512  -2.731  -3.160  1.00 31.27 ? 53   TYR A CD1 1 
ATOM   369 C CD2 . TYR A 1 53 ? 1.455   -4.004  -3.573  1.00 31.81 ? 53   TYR A CD2 1 
ATOM   370 C CE1 . TYR A 1 53 ? -1.141  -3.350  -4.256  1.00 31.61 ? 53   TYR A CE1 1 
ATOM   371 C CE2 . TYR A 1 53 ? 0.826   -4.630  -4.638  1.00 31.22 ? 53   TYR A CE2 1 
ATOM   372 C CZ  . TYR A 1 53 ? -0.456  -4.299  -4.966  1.00 30.90 ? 53   TYR A CZ  1 
ATOM   373 O OH  . TYR A 1 53 ? -1.057  -4.900  -6.031  1.00 33.79 ? 53   TYR A OH  1 
ATOM   374 N N   . GLU A 1 54 ? 2.562   -4.645  0.212   1.00 29.67 ? 54   GLU A N   1 
ATOM   375 C CA  . GLU A 1 54 ? 2.968   -6.024  0.415   1.00 30.23 ? 54   GLU A CA  1 
ATOM   376 C C   . GLU A 1 54 ? 2.209   -6.670  1.553   1.00 29.27 ? 54   GLU A C   1 
ATOM   377 O O   . GLU A 1 54 ? 1.760   -7.807  1.438   1.00 29.71 ? 54   GLU A O   1 
ATOM   378 C CB  . GLU A 1 54 ? 4.483   -6.096  0.642   1.00 29.31 ? 54   GLU A CB  1 
ATOM   379 C CG  . GLU A 1 54 ? 5.240   -5.753  -0.622  1.00 32.23 ? 54   GLU A CG  1 
ATOM   380 C CD  . GLU A 1 54 ? 6.744   -5.609  -0.430  1.00 32.66 ? 54   GLU A CD  1 
ATOM   381 O OE1 . GLU A 1 54 ? 7.175   -5.349  0.720   1.00 39.11 ? 54   GLU A OE1 1 
ATOM   382 O OE2 . GLU A 1 54 ? 7.487   -5.727  -1.433  1.00 32.56 ? 54   GLU A OE2 1 
ATOM   383 N N   . ILE A 1 55 ? 2.065   -5.929  2.644   1.00 29.61 ? 55   ILE A N   1 
ATOM   384 C CA  . ILE A 1 55 ? 1.328   -6.380  3.802   1.00 29.78 ? 55   ILE A CA  1 
ATOM   385 C C   . ILE A 1 55 ? -0.151  -6.576  3.397   1.00 29.34 ? 55   ILE A C   1 
ATOM   386 O O   . ILE A 1 55 ? -0.761  -7.577  3.782   1.00 28.41 ? 55   ILE A O   1 
ATOM   387 C CB  . ILE A 1 55 ? 1.504   -5.423  4.983   1.00 29.63 ? 55   ILE A CB  1 
ATOM   388 C CG1 . ILE A 1 55 ? 2.856   -5.647  5.639   1.00 33.12 ? 55   ILE A CG1 1 
ATOM   389 C CG2 . ILE A 1 55 ? 0.468   -5.681  6.078   1.00 30.76 ? 55   ILE A CG2 1 
ATOM   390 C CD1 . ILE A 1 55 ? 3.331   -4.420  6.402   1.00 35.37 ? 55   ILE A CD1 1 
ATOM   391 N N   . LEU A 1 56 ? -0.719  -5.666  2.595   1.00 28.63 ? 56   LEU A N   1 
ATOM   392 C CA  . LEU A 1 56 ? -2.088  -5.886  2.062   1.00 28.37 ? 56   LEU A CA  1 
ATOM   393 C C   . LEU A 1 56 ? -2.195  -7.180  1.263   1.00 27.34 ? 56   LEU A C   1 
ATOM   394 O O   . LEU A 1 56 ? -3.117  -7.910  1.482   1.00 26.37 ? 56   LEU A O   1 
ATOM   395 C CB  . LEU A 1 56 ? -2.641  -4.716  1.259   1.00 27.64 ? 56   LEU A CB  1 
ATOM   396 C CG  . LEU A 1 56 ? -3.987  -4.768  0.542   1.00 26.65 ? 56   LEU A CG  1 
ATOM   397 C CD1 . LEU A 1 56 ? -5.252  -4.938  1.453   1.00 22.88 ? 56   LEU A CD1 1 
ATOM   398 C CD2 . LEU A 1 56 ? -4.108  -3.481  -0.280  1.00 26.54 ? 56   LEU A CD2 1 
ATOM   399 N N   . VAL A 1 57 ? -1.269  -7.430  0.338   1.00 27.01 ? 57   VAL A N   1 
ATOM   400 C CA  . VAL A 1 57 ? -1.276  -8.637  -0.488  1.00 27.18 ? 57   VAL A CA  1 
ATOM   401 C C   . VAL A 1 57 ? -1.169  -9.872  0.400   1.00 26.91 ? 57   VAL A C   1 
ATOM   402 O O   . VAL A 1 57 ? -1.847  -10.869 0.197   1.00 27.31 ? 57   VAL A O   1 
ATOM   403 C CB  . VAL A 1 57 ? -0.112  -8.651  -1.544  1.00 26.99 ? 57   VAL A CB  1 
ATOM   404 C CG1 . VAL A 1 57 ? -0.067  -9.959  -2.285  1.00 28.33 ? 57   VAL A CG1 1 
ATOM   405 C CG2 . VAL A 1 57 ? -0.331  -7.506  -2.556  1.00 29.88 ? 57   VAL A CG2 1 
ATOM   406 N N   . GLU A 1 58 ? -0.291  -9.820  1.393   1.00 27.52 ? 58   GLU A N   1 
ATOM   407 C CA  . GLU A 1 58 ? -0.082  -10.999 2.230   1.00 26.94 ? 58   GLU A CA  1 
ATOM   408 C C   . GLU A 1 58 ? -1.330  -11.305 3.062   1.00 27.65 ? 58   GLU A C   1 
ATOM   409 O O   . GLU A 1 58 ? -1.652  -12.479 3.249   1.00 26.07 ? 58   GLU A O   1 
ATOM   410 C CB  . GLU A 1 58 ? 1.122   -10.850 3.125   1.00 26.80 ? 58   GLU A CB  1 
ATOM   411 C CG  . GLU A 1 58 ? 2.405   -10.778 2.385   1.00 30.03 ? 58   GLU A CG  1 
ATOM   412 C CD  . GLU A 1 58 ? 3.537   -10.491 3.319   1.00 34.34 ? 58   GLU A CD  1 
ATOM   413 O OE1 . GLU A 1 58 ? 3.258   -10.459 4.534   1.00 40.52 ? 58   GLU A OE1 1 
ATOM   414 O OE2 . GLU A 1 58 ? 4.673   -10.241 2.854   1.00 38.70 ? 58   GLU A OE2 1 
ATOM   415 N N   . ASP A 1 59 ? -2.021  -10.239 3.495   1.00 26.77 ? 59   ASP A N   1 
ATOM   416 C CA  . ASP A 1 59 ? -3.202  -10.330 4.357   1.00 27.26 ? 59   ASP A CA  1 
ATOM   417 C C   . ASP A 1 59 ? -4.270  -11.050 3.549   1.00 27.15 ? 59   ASP A C   1 
ATOM   418 O O   . ASP A 1 59 ? -4.908  -11.980 4.027   1.00 26.80 ? 59   ASP A O   1 
ATOM   419 C CB  . ASP A 1 59 ? -3.758  -8.935  4.749   1.00 26.53 ? 59   ASP A CB  1 
ATOM   420 C CG  . ASP A 1 59 ? -3.134  -8.336  6.023   1.00 27.11 ? 59   ASP A CG  1 
ATOM   421 O OD1 . ASP A 1 59 ? -2.457  -9.057  6.777   1.00 32.72 ? 59   ASP A OD1 1 
ATOM   422 O OD2 . ASP A 1 59 ? -3.333  -7.127  6.239   1.00 28.37 ? 59   ASP A OD2 1 
ATOM   423 N N   . ILE A 1 60 ? -4.442  -10.633 2.292   1.00 28.77 ? 60   ILE A N   1 
ATOM   424 C CA  . ILE A 1 60 ? -5.427  -11.255 1.387   1.00 29.14 ? 60   ILE A CA  1 
ATOM   425 C C   . ILE A 1 60 ? -5.055  -12.691 1.087   1.00 28.94 ? 60   ILE A C   1 
ATOM   426 O O   . ILE A 1 60 ? -5.908  -13.587 1.106   1.00 29.81 ? 60   ILE A O   1 
ATOM   427 C CB  . ILE A 1 60 ? -5.631  -10.432 0.094   1.00 29.27 ? 60   ILE A CB  1 
ATOM   428 C CG1 . ILE A 1 60 ? -6.232  -9.032  0.442   1.00 30.75 ? 60   ILE A CG1 1 
ATOM   429 C CG2 . ILE A 1 60 ? -6.486  -11.232 -0.974  1.00 29.02 ? 60   ILE A CG2 1 
ATOM   430 C CD1 . ILE A 1 60 ? -6.222  -8.010  -0.739  1.00 29.14 ? 60   ILE A CD1 1 
ATOM   431 N N   . LYS A 1 61 ? -3.786  -12.928 0.842   1.00 28.26 ? 61   LYS A N   1 
ATOM   432 C CA  . LYS A 1 61 ? -3.314  -14.298 0.640   1.00 27.84 ? 61   LYS A CA  1 
ATOM   433 C C   . LYS A 1 61 ? -3.595  -15.194 1.870   1.00 27.21 ? 61   LYS A C   1 
ATOM   434 O O   . LYS A 1 61 ? -4.116  -16.292 1.721   1.00 25.54 ? 61   LYS A O   1 
ATOM   435 C CB  . LYS A 1 61 ? -1.851  -14.309 0.245   1.00 28.90 ? 61   LYS A CB  1 
ATOM   436 C CG  . LYS A 1 61 ? -1.596  -13.815 -1.168  1.00 28.19 ? 61   LYS A CG  1 
ATOM   437 C CD  . LYS A 1 61 ? -0.172  -14.174 -1.644  1.00 29.78 ? 61   LYS A CD  1 
ATOM   438 C CE  . LYS A 1 61 ? 0.180   -13.469 -2.955  1.00 33.53 ? 61   LYS A CE  1 
ATOM   439 N NZ  . LYS A 1 61 ? 1.636   -13.168 -3.078  1.00 35.42 ? 61   LYS A NZ  1 
ATOM   440 N N   . TYR A 1 62 ? -3.288  -14.728 3.080   1.00 29.06 ? 62   TYR A N   1 
ATOM   441 C CA  . TYR A 1 62 ? -3.666  -15.454 4.283   1.00 28.81 ? 62   TYR A CA  1 
ATOM   442 C C   . TYR A 1 62 ? -5.179  -15.769 4.298   1.00 29.60 ? 62   TYR A C   1 
ATOM   443 O O   . TYR A 1 62 ? -5.553  -16.895 4.516   1.00 28.59 ? 62   TYR A O   1 
ATOM   444 C CB  . TYR A 1 62 ? -3.229  -14.725 5.595   1.00 28.57 ? 62   TYR A CB  1 
ATOM   445 C CG  . TYR A 1 62 ? -3.805  -15.378 6.841   1.00 27.59 ? 62   TYR A CG  1 
ATOM   446 C CD1 . TYR A 1 62 ? -3.332  -16.581 7.280   1.00 26.64 ? 62   TYR A CD1 1 
ATOM   447 C CD2 . TYR A 1 62 ? -4.896  -14.825 7.506   1.00 29.16 ? 62   TYR A CD2 1 
ATOM   448 C CE1 . TYR A 1 62 ? -3.835  -17.201 8.412   1.00 23.01 ? 62   TYR A CE1 1 
ATOM   449 C CE2 . TYR A 1 62 ? -5.422  -15.449 8.637   1.00 28.07 ? 62   TYR A CE2 1 
ATOM   450 C CZ  . TYR A 1 62 ? -4.887  -16.644 9.072   1.00 28.98 ? 62   TYR A CZ  1 
ATOM   451 O OH  . TYR A 1 62 ? -5.422  -17.313 10.112  1.00 27.56 ? 62   TYR A OH  1 
ATOM   452 N N   . ILE A 1 63 ? -6.015  -14.745 4.108   1.00 29.78 ? 63   ILE A N   1 
ATOM   453 C CA  . ILE A 1 63 ? -7.502  -14.899 4.077   1.00 29.00 ? 63   ILE A CA  1 
ATOM   454 C C   . ILE A 1 63 ? -7.930  -15.975 3.076   1.00 29.55 ? 63   ILE A C   1 
ATOM   455 O O   . ILE A 1 63 ? -8.803  -16.782 3.355   1.00 29.56 ? 63   ILE A O   1 
ATOM   456 C CB  . ILE A 1 63 ? -8.214  -13.507 3.795   1.00 27.74 ? 63   ILE A CB  1 
ATOM   457 C CG1 . ILE A 1 63 ? -8.003  -12.571 4.995   1.00 29.09 ? 63   ILE A CG1 1 
ATOM   458 C CG2 . ILE A 1 63 ? -9.733  -13.664 3.535   1.00 28.11 ? 63   ILE A CG2 1 
ATOM   459 C CD1 . ILE A 1 63 ? -8.326  -11.147 4.806   1.00 26.96 ? 63   ILE A CD1 1 
ATOM   460 N N   . GLU A 1 64 ? -7.318  -15.981 1.900   1.00 28.73 ? 64   GLU A N   1 
ATOM   461 C CA  . GLU A 1 64 ? -7.775  -16.846 0.820   1.00 28.83 ? 64   GLU A CA  1 
ATOM   462 C C   . GLU A 1 64 ? -7.305  -18.266 1.057   1.00 28.73 ? 64   GLU A C   1 
ATOM   463 O O   . GLU A 1 64 ? -8.079  -19.154 0.817   1.00 28.82 ? 64   GLU A O   1 
ATOM   464 C CB  . GLU A 1 64 ? -7.400  -16.241 -0.549  1.00 28.48 ? 64   GLU A CB  1 
ATOM   465 C CG  . GLU A 1 64 ? -8.261  -14.938 -0.875  1.00 30.06 ? 64   GLU A CG  1 
ATOM   466 C CD  . GLU A 1 64 ? -7.932  -14.234 -2.203  1.00 31.50 ? 64   GLU A CD  1 
ATOM   467 O OE1 . GLU A 1 64 ? -6.820  -14.429 -2.715  1.00 35.56 ? 64   GLU A OE1 1 
ATOM   468 O OE2 . GLU A 1 64 ? -8.781  -13.434 -2.697  1.00 36.33 ? 64   GLU A OE2 1 
ATOM   469 N N   . SER A 1 65 ? -6.126  -18.469 1.702   1.00 29.74 ? 65   SER A N   1 
ATOM   470 C CA  . SER A 1 65 ? -5.430  -19.826 1.761   1.00 29.51 ? 65   SER A CA  1 
ATOM   471 C C   . SER A 1 65 ? -5.305  -20.443 3.181   1.00 30.49 ? 65   SER A C   1 
ATOM   472 O O   . SER A 1 65 ? -5.237  -21.677 3.353   1.00 30.24 ? 65   SER A O   1 
ATOM   473 C CB  . SER A 1 65 ? -4.024  -19.753 1.117   1.00 29.16 ? 65   SER A CB  1 
ATOM   474 O OG  . SER A 1 65 ? -3.052  -19.156 1.981   1.00 29.30 ? 65   SER A OG  1 
ATOM   475 N N   . GLY A 1 66 ? -5.355  -19.570 4.189   1.00 29.65 ? 66   GLY A N   1 
ATOM   476 C CA  . GLY A 1 66 ? -5.108  -19.891 5.592   1.00 30.09 ? 66   GLY A CA  1 
ATOM   477 C C   . GLY A 1 66 ? -3.685  -20.060 6.065   1.00 29.40 ? 66   GLY A C   1 
ATOM   478 O O   . GLY A 1 66 ? -3.451  -20.475 7.190   1.00 31.49 ? 66   GLY A O   1 
ATOM   479 N N   . LYS A 1 67 ? -2.745  -19.681 5.218   1.00 28.89 ? 67   LYS A N   1 
ATOM   480 C CA  . LYS A 1 67 ? -1.310  -19.756 5.510   1.00 27.23 ? 67   LYS A CA  1 
ATOM   481 C C   . LYS A 1 67 ? -0.643  -18.426 5.154   1.00 27.68 ? 67   LYS A C   1 
ATOM   482 O O   . LYS A 1 67 ? -0.862  -17.922 4.024   1.00 29.61 ? 67   LYS A O   1 
ATOM   483 C CB  . LYS A 1 67 ? -0.668  -20.888 4.699   1.00 25.83 ? 67   LYS A CB  1 
ATOM   484 C CG  . LYS A 1 67 ? -1.211  -22.296 4.969   1.00 23.79 ? 67   LYS A CG  1 
ATOM   485 C CD  . LYS A 1 67 ? -0.945  -22.790 6.384   1.00 23.76 ? 67   LYS A CD  1 
ATOM   486 C CE  . LYS A 1 67 ? -1.682  -24.116 6.717   1.00 27.41 ? 67   LYS A CE  1 
ATOM   487 N NZ  . LYS A 1 67 ? -3.142  -23.883 6.719   1.00 33.22 ? 67   LYS A NZ  1 
ATOM   488 N N   . VAL A 1 68 ? 0.167   -17.850 6.055   1.00 28.05 ? 68   VAL A N   1 
ATOM   489 C CA  . VAL A 1 68 ? 0.922   -16.653 5.669   1.00 27.87 ? 68   VAL A CA  1 
ATOM   490 C C   . VAL A 1 68 ? 1.918   -16.998 4.535   1.00 27.17 ? 68   VAL A C   1 
ATOM   491 O O   . VAL A 1 68 ? 2.683   -17.992 4.617   1.00 26.28 ? 68   VAL A O   1 
ATOM   492 C CB  . VAL A 1 68 ? 1.523   -15.894 6.864   1.00 28.50 ? 68   VAL A CB  1 
ATOM   493 C CG1 . VAL A 1 68 ? 0.424   -15.611 7.865   1.00 27.54 ? 68   VAL A CG1 1 
ATOM   494 C CG2 . VAL A 1 68 ? 2.584   -16.661 7.509   1.00 28.99 ? 68   VAL A CG2 1 
ATOM   495 N N   . PRO A 1 69 ? 1.907   -16.197 3.435   1.00 27.52 ? 69   PRO A N   1 
ATOM   496 C CA  . PRO A 1 69 ? 2.931   -16.442 2.425   1.00 28.90 ? 69   PRO A CA  1 
ATOM   497 C C   . PRO A 1 69 ? 4.323   -16.118 2.942   1.00 29.92 ? 69   PRO A C   1 
ATOM   498 O O   . PRO A 1 69 ? 4.505   -15.372 3.910   1.00 30.07 ? 69   PRO A O   1 
ATOM   499 C CB  . PRO A 1 69 ? 2.540   -15.470 1.283   1.00 29.50 ? 69   PRO A CB  1 
ATOM   500 C CG  . PRO A 1 69 ? 1.791   -14.441 1.903   1.00 26.53 ? 69   PRO A CG  1 
ATOM   501 C CD  . PRO A 1 69 ? 1.067   -15.044 3.070   1.00 27.24 ? 69   PRO A CD  1 
ATOM   502 N N   . PHE A 1 70 ? 5.296   -16.689 2.283   1.00 31.96 ? 70   PHE A N   1 
ATOM   503 C CA  . PHE A 1 70 ? 6.694   -16.428 2.576   1.00 33.61 ? 70   PHE A CA  1 
ATOM   504 C C   . PHE A 1 70 ? 7.236   -15.796 1.301   1.00 34.54 ? 70   PHE A C   1 
ATOM   505 O O   . PHE A 1 70 ? 6.447   -15.086 0.622   1.00 36.16 ? 70   PHE A O   1 
ATOM   506 C CB  . PHE A 1 70 ? 7.406   -17.729 2.976   1.00 34.69 ? 70   PHE A CB  1 
ATOM   507 C CG  . PHE A 1 70 ? 7.239   -18.079 4.442   1.00 35.18 ? 70   PHE A CG  1 
ATOM   508 C CD1 . PHE A 1 70 ? 5.986   -18.319 4.953   1.00 37.97 ? 70   PHE A CD1 1 
ATOM   509 C CD2 . PHE A 1 70 ? 8.330   -18.107 5.303   1.00 38.68 ? 70   PHE A CD2 1 
ATOM   510 C CE1 . PHE A 1 70 ? 5.788   -18.600 6.280   1.00 37.03 ? 70   PHE A CE1 1 
ATOM   511 C CE2 . PHE A 1 70 ? 8.142   -18.414 6.644   1.00 37.29 ? 70   PHE A CE2 1 
ATOM   512 C CZ  . PHE A 1 70 ? 6.853   -18.659 7.117   1.00 38.51 ? 70   PHE A CZ  1 
HETATM 513 O O   . HOH B 2 .  ? 4.513   1.438   9.517   1.00 44.86 ? 2001 HOH A O   1 
HETATM 514 O O   . HOH B 2 .  ? -3.142  10.543  10.291  1.00 41.81 ? 2002 HOH A O   1 
HETATM 515 O O   . HOH B 2 .  ? -7.707  1.540   8.571   1.00 49.65 ? 2003 HOH A O   1 
HETATM 516 O O   . HOH B 2 .  ? -8.874  3.786   7.000   1.00 27.21 ? 2004 HOH A O   1 
HETATM 517 O O   . HOH B 2 .  ? -8.018  10.040  4.268   1.00 24.71 ? 2005 HOH A O   1 
HETATM 518 O O   . HOH B 2 .  ? -4.068  -2.809  4.476   1.00 31.74 ? 2006 HOH A O   1 
HETATM 519 O O   . HOH B 2 .  ? -4.219  -2.393  6.903   1.00 50.17 ? 2007 HOH A O   1 
HETATM 520 O O   . HOH B 2 .  ? -4.598  -0.916  2.863   1.00 33.10 ? 2008 HOH A O   1 
HETATM 521 O O   . HOH B 2 .  ? -6.661  -2.133  5.350   1.00 52.70 ? 2009 HOH A O   1 
HETATM 522 O O   . HOH B 2 .  ? -9.092  2.545   4.214   1.00 53.09 ? 2010 HOH A O   1 
HETATM 523 O O   . HOH B 2 .  ? -10.449 4.852   0.552   1.00 31.91 ? 2011 HOH A O   1 
HETATM 524 O O   . HOH B 2 .  ? -8.051  -0.761  3.435   1.00 45.01 ? 2012 HOH A O   1 
HETATM 525 O O   . HOH B 2 .  ? -8.380  0.805   -3.173  1.00 21.18 ? 2013 HOH A O   1 
HETATM 526 O O   . HOH B 2 .  ? -13.165 7.296   -0.270  0.50 22.86 ? 2014 HOH A O   1 
HETATM 527 O O   . HOH B 2 .  ? -11.673 9.630   3.773   1.00 42.06 ? 2015 HOH A O   1 
HETATM 528 O O   . HOH B 2 .  ? -2.912  11.103  4.077   1.00 38.98 ? 2016 HOH A O   1 
HETATM 529 O O   . HOH B 2 .  ? -6.032  0.500   -9.847  1.00 38.10 ? 2017 HOH A O   1 
HETATM 530 O O   . HOH B 2 .  ? -4.003  4.978   -13.298 1.00 33.87 ? 2018 HOH A O   1 
HETATM 531 O O   . HOH B 2 .  ? -1.715  12.214  -11.070 1.00 31.06 ? 2019 HOH A O   1 
HETATM 532 O O   . HOH B 2 .  ? -0.782  -2.707  7.969   1.00 50.74 ? 2020 HOH A O   1 
HETATM 533 O O   . HOH B 2 .  ? -1.634  3.705   -15.686 1.00 37.40 ? 2021 HOH A O   1 
HETATM 534 O O   . HOH B 2 .  ? -4.258  -1.945  -10.762 1.00 42.88 ? 2022 HOH A O   1 
HETATM 535 O O   . HOH B 2 .  ? 3.524   -1.307  -10.190 1.00 46.66 ? 2023 HOH A O   1 
HETATM 536 O O   . HOH B 2 .  ? -1.597  5.276   -13.749 1.00 37.93 ? 2024 HOH A O   1 
HETATM 537 O O   . HOH B 2 .  ? 5.744   0.772   -11.003 1.00 37.72 ? 2025 HOH A O   1 
HETATM 538 O O   . HOH B 2 .  ? 4.821   7.396   -13.222 1.00 52.66 ? 2026 HOH A O   1 
HETATM 539 O O   . HOH B 2 .  ? 1.528   -18.223 -0.714  1.00 33.73 ? 2027 HOH A O   1 
HETATM 540 O O   . HOH B 2 .  ? 12.474  5.814   -12.141 1.00 33.39 ? 2028 HOH A O   1 
HETATM 541 O O   . HOH B 2 .  ? 7.044   0.942   -8.688  1.00 47.96 ? 2029 HOH A O   1 
HETATM 542 O O   . HOH B 2 .  ? -3.806  -2.934  -7.026  1.00 28.87 ? 2030 HOH A O   1 
HETATM 543 O O   . HOH B 2 .  ? 1.939   -2.559  -8.807  1.00 33.30 ? 2031 HOH A O   1 
HETATM 544 O O   . HOH B 2 .  ? 7.329   10.378  -3.861  1.00 23.20 ? 2032 HOH A O   1 
HETATM 545 O O   . HOH B 2 .  ? 8.222   3.757   -7.300  1.00 35.97 ? 2033 HOH A O   1 
HETATM 546 O O   . HOH B 2 .  ? 1.390   11.740  -7.031  1.00 16.12 ? 2034 HOH A O   1 
HETATM 547 O O   . HOH B 2 .  ? 4.584   11.214  0.994   1.00 33.57 ? 2035 HOH A O   1 
HETATM 548 O O   . HOH B 2 .  ? -2.148  12.482  2.303   1.00 30.74 ? 2036 HOH A O   1 
HETATM 549 O O   . HOH B 2 .  ? 7.261   10.531  -1.273  1.00 36.83 ? 2037 HOH A O   1 
HETATM 550 O O   . HOH B 2 .  ? 9.834   -1.123  0.863   1.00 39.14 ? 2038 HOH A O   1 
HETATM 551 O O   . HOH B 2 .  ? 4.769   1.056   5.426   1.00 30.61 ? 2039 HOH A O   1 
HETATM 552 O O   . HOH B 2 .  ? 2.676   -1.111  6.313   1.00 34.90 ? 2040 HOH A O   1 
HETATM 553 O O   . HOH B 2 .  ? -1.811  -2.699  4.727   1.00 30.18 ? 2041 HOH A O   1 
HETATM 554 O O   . HOH B 2 .  ? -0.337  -12.641 6.375   1.00 34.74 ? 2042 HOH A O   1 
HETATM 555 O O   . HOH B 2 .  ? -1.832  -11.427 7.836   1.00 38.55 ? 2043 HOH A O   1 
HETATM 556 O O   . HOH B 2 .  ? -10.865 -19.804 -0.176  1.00 54.58 ? 2044 HOH A O   1 
HETATM 557 O O   . HOH B 2 .  ? -4.950  -20.068 9.455   1.00 32.46 ? 2045 HOH A O   1 
HETATM 558 O O   . HOH B 2 .  ? 0.112   -18.896 1.381   1.00 24.38 ? 2046 HOH A O   1 
HETATM 559 O O   . HOH B 2 .  ? -5.164  -23.509 5.306   1.00 31.07 ? 2047 HOH A O   1 
HETATM 560 O O   . HOH B 2 .  ? 4.899   -13.596 5.609   1.00 43.71 ? 2048 HOH A O   1 
HETATM 561 O O   . HOH B 2 .  ? 4.853   -18.387 0.358   1.00 48.66 ? 2049 HOH A O   1 
# 
